data_6GFR
#
_entry.id   6GFR
#
_cell.length_a   139.865
_cell.length_b   139.865
_cell.length_c   80.501
_cell.angle_alpha   90.00
_cell.angle_beta   90.00
_cell.angle_gamma   90.00
#
_symmetry.space_group_name_H-M   'P 43 21 2'
#
loop_
_entity.id
_entity.type
_entity.pdbx_description
1 polymer 'Glyceraldehyde-3-phosphate dehydrogenase'
2 non-polymer NICOTINAMIDE-ADENINE-DINUCLEOTIDE
3 non-polymer 'ACETATE ION'
4 non-polymer 'MAGNESIUM ION'
5 water water
#
_entity_poly.entity_id   1
_entity_poly.type   'polypeptide(L)'
_entity_poly.pdbx_seq_one_letter_code
;GSMVRVAINGFGRIGRNFMRCWLQRKANSKLEIVGINDTSDPRTNAHLLKYDSMLGIFQDAEITADDDCIYAGGHAVKCV
SDRNPENLPWSAWGIDLVIEATGVFTSREGASKHLSAGAKKVLITAPGKGNIPTYVVGVNHHTYDPSEDIVSNASCTTNC
LAPIVKVLHEAFGIQQGMMTTTHSYTGDQRLLDASHRDLRRARAAAMNIVPTSTGAAKAVGLVIPELQGKLNGIALRVPT
PNVSVVDFVAQVEKPTIAEQVNQVIKEASETTMKGIIHYSELELVSSDYRGHNASSILDASLTMVLGGNLVKVVAWYDNE
WGYSQRVLDLAEHMAAHWA
;
_entity_poly.pdbx_strand_id   A,B
#
loop_
_chem_comp.id
_chem_comp.type
_chem_comp.name
_chem_comp.formula
ACT non-polymer 'ACETATE ION' 'C2 H3 O2 -1'
MG non-polymer 'MAGNESIUM ION' 'Mg 2'
NAD non-polymer NICOTINAMIDE-ADENINE-DINUCLEOTIDE 'C21 H27 N7 O14 P2'
#
# COMPACT_ATOMS: atom_id res chain seq x y z
N SER A 2 -9.81 -23.96 27.76
CA SER A 2 -9.81 -22.80 28.64
C SER A 2 -8.86 -21.72 28.12
N MET A 3 -9.43 -20.64 27.58
CA MET A 3 -8.67 -19.58 26.95
C MET A 3 -8.26 -18.51 27.96
N VAL A 4 -7.21 -17.78 27.62
CA VAL A 4 -6.86 -16.56 28.32
C VAL A 4 -7.64 -15.41 27.68
N ARG A 5 -8.47 -14.73 28.47
CA ARG A 5 -9.35 -13.68 27.99
C ARG A 5 -8.62 -12.35 27.98
N VAL A 6 -8.56 -11.71 26.82
CA VAL A 6 -7.75 -10.54 26.56
C VAL A 6 -8.65 -9.35 26.26
N ALA A 7 -8.32 -8.20 26.85
CA ALA A 7 -8.88 -6.92 26.46
C ALA A 7 -7.77 -6.03 25.92
N ILE A 8 -8.10 -5.20 24.95
CA ILE A 8 -7.19 -4.20 24.40
C ILE A 8 -7.58 -2.85 24.98
N ASN A 9 -6.61 -2.15 25.57
CA ASN A 9 -6.82 -0.79 26.03
C ASN A 9 -6.09 0.15 25.07
N GLY A 10 -6.87 0.94 24.33
CA GLY A 10 -6.34 1.78 23.28
C GLY A 10 -6.36 1.08 21.93
N PHE A 11 -7.39 1.35 21.13
CA PHE A 11 -7.58 0.67 19.85
C PHE A 11 -6.97 1.49 18.70
N GLY A 12 -5.67 1.73 18.83
CA GLY A 12 -4.94 2.60 17.93
C GLY A 12 -4.25 1.83 16.82
N ARG A 13 -3.15 2.39 16.32
CA ARG A 13 -2.38 1.67 15.32
C ARG A 13 -1.91 0.32 15.86
N ILE A 14 -1.26 0.31 17.02
CA ILE A 14 -0.81 -0.96 17.58
C ILE A 14 -2.00 -1.82 17.96
N GLY A 15 -3.01 -1.22 18.61
CA GLY A 15 -4.15 -2.01 19.05
C GLY A 15 -4.85 -2.72 17.91
N ARG A 16 -5.00 -2.04 16.77
CA ARG A 16 -5.71 -2.64 15.65
C ARG A 16 -4.81 -3.56 14.83
N ASN A 17 -3.52 -3.23 14.69
CA ASN A 17 -2.60 -4.19 14.08
C ASN A 17 -2.56 -5.48 14.87
N PHE A 18 -2.53 -5.38 16.21
CA PHE A 18 -2.56 -6.56 17.08
C PHE A 18 -3.83 -7.39 16.85
N MET A 19 -4.98 -6.71 16.79
CA MET A 19 -6.24 -7.41 16.54
C MET A 19 -6.21 -8.17 15.21
N ARG A 20 -5.73 -7.52 14.15
CA ARG A 20 -5.66 -8.19 12.86
C ARG A 20 -4.62 -9.31 12.87
N CYS A 21 -3.53 -9.15 13.63
CA CYS A 21 -2.59 -10.26 13.82
C CYS A 21 -3.29 -11.46 14.45
N TRP A 22 -4.01 -11.23 15.56
CA TRP A 22 -4.69 -12.33 16.24
C TRP A 22 -5.73 -12.97 15.34
N LEU A 23 -6.51 -12.15 14.62
CA LEU A 23 -7.54 -12.71 13.73
C LEU A 23 -6.93 -13.62 12.68
N GLN A 24 -5.73 -13.30 12.19
CA GLN A 24 -5.06 -14.15 11.23
C GLN A 24 -4.41 -15.37 11.86
N ARG A 25 -4.27 -15.43 13.18
CA ARG A 25 -3.57 -16.53 13.85
C ARG A 25 -4.43 -17.25 14.88
N LYS A 26 -5.72 -16.93 14.99
CA LYS A 26 -6.49 -17.41 16.14
C LYS A 26 -6.79 -18.90 16.10
N ALA A 27 -6.45 -19.60 15.01
CA ALA A 27 -6.65 -21.04 15.00
C ALA A 27 -5.70 -21.75 15.96
N ASN A 28 -4.46 -21.29 16.06
CA ASN A 28 -3.49 -21.89 16.97
C ASN A 28 -3.16 -20.95 18.12
N SER A 29 -4.19 -20.46 18.81
CA SER A 29 -4.03 -19.41 19.81
C SER A 29 -4.56 -19.88 21.16
N LYS A 30 -3.88 -19.47 22.23
CA LYS A 30 -4.40 -19.64 23.58
C LYS A 30 -5.11 -18.39 24.07
N LEU A 31 -5.24 -17.38 23.21
CA LEU A 31 -5.85 -16.12 23.55
C LEU A 31 -7.21 -15.99 22.88
N GLU A 32 -8.12 -15.30 23.57
CA GLU A 32 -9.40 -14.89 23.02
C GLU A 32 -9.54 -13.41 23.33
N ILE A 33 -9.56 -12.57 22.30
CA ILE A 33 -9.82 -11.15 22.49
C ILE A 33 -11.32 -10.96 22.71
N VAL A 34 -11.71 -10.52 23.91
CA VAL A 34 -13.12 -10.42 24.25
C VAL A 34 -13.56 -8.99 24.50
N GLY A 35 -12.66 -8.03 24.70
CA GLY A 35 -13.07 -6.67 24.98
C GLY A 35 -12.10 -5.62 24.46
N ILE A 36 -12.62 -4.40 24.33
CA ILE A 36 -11.86 -3.25 23.87
C ILE A 36 -12.30 -2.05 24.69
N ASN A 37 -11.35 -1.26 25.17
CA ASN A 37 -11.62 0.08 25.68
C ASN A 37 -10.90 1.09 24.80
N ASP A 38 -11.60 2.17 24.45
CA ASP A 38 -11.04 3.19 23.56
C ASP A 38 -11.84 4.47 23.72
N THR A 39 -11.22 5.58 23.33
CA THR A 39 -11.91 6.86 23.40
C THR A 39 -13.09 6.94 22.43
N SER A 40 -13.11 6.08 21.41
CA SER A 40 -14.13 6.10 20.38
C SER A 40 -15.14 4.96 20.58
N ASP A 41 -16.20 4.97 19.77
CA ASP A 41 -17.34 4.05 19.78
C ASP A 41 -17.09 2.85 18.86
N PRO A 42 -17.86 1.78 19.05
CA PRO A 42 -17.60 0.55 18.26
C PRO A 42 -17.87 0.70 16.77
N ARG A 43 -18.83 1.52 16.34
CA ARG A 43 -19.04 1.66 14.90
C ARG A 43 -17.84 2.33 14.23
N THR A 44 -17.30 3.37 14.85
CA THR A 44 -16.09 4.01 14.32
C THR A 44 -14.91 3.06 14.35
N ASN A 45 -14.72 2.36 15.47
CA ASN A 45 -13.56 1.47 15.58
C ASN A 45 -13.68 0.28 14.64
N ALA A 46 -14.89 -0.22 14.38
CA ALA A 46 -15.04 -1.31 13.42
C ALA A 46 -14.73 -0.82 12.01
N HIS A 47 -15.11 0.42 11.70
CA HIS A 47 -14.76 0.99 10.41
C HIS A 47 -13.24 1.04 10.23
N LEU A 48 -12.53 1.54 11.24
CA LEU A 48 -11.08 1.65 11.17
C LEU A 48 -10.40 0.29 11.18
N LEU A 49 -10.95 -0.68 11.90
CA LEU A 49 -10.39 -2.03 11.84
C LEU A 49 -10.49 -2.59 10.42
N LYS A 50 -11.58 -2.30 9.72
CA LYS A 50 -11.74 -2.90 8.40
C LYS A 50 -10.99 -2.12 7.33
N TYR A 51 -11.02 -0.80 7.38
CA TYR A 51 -10.43 0.05 6.33
C TYR A 51 -9.17 0.70 6.87
N ASP A 52 -8.01 0.22 6.43
CA ASP A 52 -6.73 0.60 6.99
C ASP A 52 -5.85 1.14 5.86
N SER A 53 -5.43 2.39 5.96
CA SER A 53 -4.66 2.97 4.87
C SER A 53 -3.34 2.23 4.62
N MET A 54 -2.82 1.52 5.63
CA MET A 54 -1.54 0.81 5.52
C MET A 54 -1.72 -0.67 5.20
N LEU A 55 -2.63 -1.35 5.90
CA LEU A 55 -2.84 -2.77 5.70
C LEU A 55 -3.82 -3.09 4.59
N GLY A 56 -4.56 -2.09 4.09
CA GLY A 56 -5.60 -2.36 3.12
C GLY A 56 -6.86 -2.89 3.79
N ILE A 57 -7.85 -3.23 2.96
CA ILE A 57 -9.14 -3.66 3.46
C ILE A 57 -9.03 -5.06 4.03
N PHE A 58 -9.54 -5.26 5.25
CA PHE A 58 -9.45 -6.58 5.88
C PHE A 58 -10.32 -7.58 5.12
N GLN A 59 -9.71 -8.68 4.70
CA GLN A 59 -10.29 -9.59 3.71
C GLN A 59 -10.94 -10.83 4.33
N ASP A 60 -10.36 -11.36 5.40
CA ASP A 60 -10.66 -12.72 5.82
C ASP A 60 -12.11 -12.87 6.29
N ALA A 61 -12.52 -12.08 7.26
CA ALA A 61 -13.85 -12.22 7.84
C ALA A 61 -14.64 -10.92 7.72
N GLU A 62 -15.95 -11.04 7.90
CA GLU A 62 -16.79 -9.85 7.95
C GLU A 62 -16.57 -9.10 9.25
N ILE A 63 -16.61 -7.77 9.16
CA ILE A 63 -16.45 -6.90 10.33
C ILE A 63 -17.69 -6.01 10.38
N THR A 64 -18.43 -6.10 11.49
CA THR A 64 -19.58 -5.23 11.71
C THR A 64 -19.54 -4.73 13.14
N ALA A 65 -20.54 -3.91 13.49
CA ALA A 65 -20.65 -3.37 14.84
C ALA A 65 -22.11 -3.05 15.13
N ASP A 66 -22.43 -2.96 16.42
CA ASP A 66 -23.65 -2.32 16.87
C ASP A 66 -23.26 -1.39 18.02
N ASP A 67 -24.22 -0.94 18.84
CA ASP A 67 -23.87 -0.02 19.92
C ASP A 67 -22.93 -0.66 20.94
N ASP A 68 -22.95 -1.98 21.06
CA ASP A 68 -22.28 -2.66 22.17
C ASP A 68 -20.98 -3.35 21.79
N CYS A 69 -20.83 -3.81 20.54
CA CYS A 69 -19.76 -4.73 20.21
C CYS A 69 -19.24 -4.48 18.81
N ILE A 70 -18.00 -4.87 18.60
CA ILE A 70 -17.46 -5.11 17.27
C ILE A 70 -17.57 -6.60 17.03
N TYR A 71 -17.89 -6.97 15.79
CA TYR A 71 -18.04 -8.38 15.42
C TYR A 71 -17.04 -8.67 14.33
N ALA A 72 -16.19 -9.67 14.53
CA ALA A 72 -15.17 -10.04 13.55
C ALA A 72 -15.42 -11.50 13.19
N GLY A 73 -16.14 -11.71 12.09
CA GLY A 73 -16.52 -13.05 11.68
C GLY A 73 -17.20 -13.80 12.80
N GLY A 74 -18.36 -13.31 13.25
CA GLY A 74 -19.12 -13.98 14.28
C GLY A 74 -18.50 -13.99 15.66
N HIS A 75 -17.29 -13.48 15.84
CA HIS A 75 -16.72 -13.34 17.17
C HIS A 75 -17.04 -11.96 17.72
N ALA A 76 -17.67 -11.92 18.90
CA ALA A 76 -18.11 -10.65 19.48
C ALA A 76 -17.04 -10.10 20.42
N VAL A 77 -16.67 -8.84 20.22
CA VAL A 77 -15.75 -8.13 21.10
C VAL A 77 -16.51 -6.97 21.75
N LYS A 78 -16.75 -7.07 23.06
CA LYS A 78 -17.48 -6.02 23.76
C LYS A 78 -16.65 -4.76 23.83
N CYS A 79 -17.31 -3.61 23.74
CA CYS A 79 -16.62 -2.32 23.74
C CYS A 79 -17.09 -1.45 24.89
N VAL A 80 -16.17 -0.64 25.40
CA VAL A 80 -16.46 0.36 26.42
C VAL A 80 -15.60 1.58 26.10
N SER A 81 -15.92 2.70 26.74
CA SER A 81 -15.18 3.94 26.47
C SER A 81 -15.03 4.73 27.77
N ASP A 82 -13.89 4.54 28.44
CA ASP A 82 -13.59 5.26 29.68
C ASP A 82 -12.09 5.52 29.76
N ARG A 83 -11.71 6.79 29.92
CA ARG A 83 -10.30 7.16 29.93
C ARG A 83 -9.58 6.73 31.20
N ASN A 84 -10.32 6.39 32.26
CA ASN A 84 -9.74 6.01 33.54
C ASN A 84 -9.79 4.50 33.72
N PRO A 85 -8.67 3.79 33.61
CA PRO A 85 -8.72 2.31 33.64
C PRO A 85 -9.35 1.73 34.90
N GLU A 86 -9.31 2.45 36.02
CA GLU A 86 -9.90 1.96 37.27
C GLU A 86 -11.41 1.73 37.16
N ASN A 87 -12.08 2.36 36.20
CA ASN A 87 -13.52 2.19 36.02
C ASN A 87 -13.88 1.05 35.07
N LEU A 88 -12.91 0.39 34.46
CA LEU A 88 -13.21 -0.54 33.40
C LEU A 88 -13.85 -1.81 33.96
N PRO A 89 -14.70 -2.48 33.15
CA PRO A 89 -15.46 -3.63 33.65
C PRO A 89 -14.66 -4.93 33.58
N TRP A 90 -13.38 -4.88 33.94
CA TRP A 90 -12.53 -6.05 33.73
C TRP A 90 -12.99 -7.24 34.56
N SER A 91 -13.46 -6.99 35.80
CA SER A 91 -13.98 -8.08 36.63
C SER A 91 -15.22 -8.70 35.99
N ALA A 92 -16.19 -7.87 35.62
CA ALA A 92 -17.43 -8.40 35.06
C ALA A 92 -17.19 -9.13 33.75
N TRP A 93 -16.25 -8.64 32.93
CA TRP A 93 -15.93 -9.31 31.68
C TRP A 93 -14.97 -10.48 31.85
N GLY A 94 -14.50 -10.75 33.07
CA GLY A 94 -13.56 -11.85 33.26
C GLY A 94 -12.29 -11.69 32.46
N ILE A 95 -11.73 -10.48 32.42
CA ILE A 95 -10.51 -10.22 31.67
C ILE A 95 -9.32 -10.79 32.43
N ASP A 96 -8.49 -11.56 31.74
CA ASP A 96 -7.25 -12.07 32.31
C ASP A 96 -6.07 -11.16 32.03
N LEU A 97 -5.90 -10.77 30.78
CA LEU A 97 -4.74 -10.04 30.30
C LEU A 97 -5.17 -8.80 29.54
N VAL A 98 -4.61 -7.65 29.91
CA VAL A 98 -4.85 -6.39 29.20
C VAL A 98 -3.63 -6.07 28.33
N ILE A 99 -3.88 -5.79 27.05
CA ILE A 99 -2.86 -5.24 26.15
C ILE A 99 -2.95 -3.73 26.28
N GLU A 100 -1.95 -3.12 26.92
CA GLU A 100 -2.00 -1.68 27.22
C GLU A 100 -1.32 -0.92 26.08
N ALA A 101 -2.15 -0.42 25.15
CA ALA A 101 -1.67 0.18 23.91
C ALA A 101 -2.15 1.62 23.73
N THR A 102 -2.39 2.33 24.83
CA THR A 102 -2.80 3.72 24.71
C THR A 102 -1.62 4.67 24.65
N GLY A 103 -0.45 4.22 25.10
CA GLY A 103 0.70 5.10 25.26
C GLY A 103 0.70 5.97 26.49
N VAL A 104 -0.34 5.94 27.33
CA VAL A 104 -0.41 6.87 28.46
C VAL A 104 -0.33 6.17 29.81
N PHE A 105 -0.31 4.84 29.84
CA PHE A 105 -0.17 4.13 31.12
C PHE A 105 1.06 3.23 31.09
N THR A 106 2.23 3.83 30.91
CA THR A 106 3.48 3.07 30.79
C THR A 106 4.25 2.96 32.10
N SER A 107 3.78 3.61 33.17
CA SER A 107 4.37 3.42 34.49
C SER A 107 3.67 2.29 35.20
N ARG A 108 4.30 1.79 36.26
CA ARG A 108 3.70 0.67 36.98
C ARG A 108 2.39 1.09 37.64
N GLU A 109 2.36 2.27 38.29
CA GLU A 109 1.11 2.74 38.90
C GLU A 109 0.02 2.97 37.86
N GLY A 110 0.39 3.43 36.66
CA GLY A 110 -0.62 3.63 35.64
C GLY A 110 -1.19 2.33 35.12
N ALA A 111 -0.32 1.38 34.76
CA ALA A 111 -0.77 0.09 34.29
C ALA A 111 -1.45 -0.72 35.38
N SER A 112 -1.08 -0.49 36.65
CA SER A 112 -1.69 -1.22 37.75
C SER A 112 -3.16 -0.86 37.94
N LYS A 113 -3.61 0.26 37.39
CA LYS A 113 -5.02 0.58 37.45
C LYS A 113 -5.86 -0.52 36.82
N HIS A 114 -5.33 -1.19 35.80
CA HIS A 114 -6.03 -2.33 35.21
C HIS A 114 -6.20 -3.47 36.21
N LEU A 115 -5.22 -3.67 37.11
CA LEU A 115 -5.33 -4.73 38.10
C LEU A 115 -6.39 -4.40 39.15
N SER A 116 -6.52 -3.13 39.54
CA SER A 116 -7.55 -2.84 40.52
C SER A 116 -8.94 -2.86 39.88
N ALA A 117 -9.02 -2.70 38.56
CA ALA A 117 -10.27 -2.89 37.83
C ALA A 117 -10.63 -4.37 37.68
N GLY A 118 -9.66 -5.26 37.85
CA GLY A 118 -9.96 -6.69 37.88
C GLY A 118 -9.16 -7.57 36.94
N ALA A 119 -8.32 -7.00 36.09
CA ALA A 119 -7.46 -7.84 35.27
C ALA A 119 -6.33 -8.45 36.11
N LYS A 120 -5.80 -9.56 35.64
CA LYS A 120 -4.74 -10.25 36.37
C LYS A 120 -3.34 -9.81 35.93
N LYS A 121 -3.14 -9.55 34.64
CA LYS A 121 -1.82 -9.17 34.11
C LYS A 121 -1.97 -8.08 33.06
N VAL A 122 -0.88 -7.31 32.88
CA VAL A 122 -0.86 -6.23 31.89
C VAL A 122 0.40 -6.32 31.04
N LEU A 123 0.23 -6.22 29.72
CA LEU A 123 1.32 -6.19 28.75
C LEU A 123 1.32 -4.81 28.10
N ILE A 124 2.35 -4.03 28.38
CA ILE A 124 2.47 -2.66 27.88
C ILE A 124 3.17 -2.69 26.53
N THR A 125 2.55 -2.09 25.51
CA THR A 125 3.10 -2.11 24.16
C THR A 125 4.12 -0.99 23.94
N ALA A 126 5.05 -0.85 24.87
CA ALA A 126 6.00 0.24 24.86
C ALA A 126 7.01 0.04 25.99
N PRO A 127 8.14 0.74 25.97
CA PRO A 127 9.03 0.69 27.13
C PRO A 127 8.27 1.14 28.39
N GLY A 128 8.56 0.49 29.50
CA GLY A 128 8.02 0.93 30.77
C GLY A 128 8.79 2.10 31.34
N LYS A 129 8.13 2.87 32.22
CA LYS A 129 8.76 4.03 32.83
C LYS A 129 9.64 3.70 34.03
N GLY A 130 9.81 2.42 34.37
CA GLY A 130 10.73 2.06 35.42
C GLY A 130 10.22 0.93 36.30
N ASN A 131 11.11 0.01 36.65
CA ASN A 131 10.76 -1.12 37.51
C ASN A 131 9.63 -1.96 36.89
N ILE A 132 9.70 -2.17 35.58
CA ILE A 132 8.79 -3.03 34.86
C ILE A 132 9.65 -3.96 34.01
N PRO A 133 9.55 -5.28 34.17
CA PRO A 133 10.40 -6.16 33.36
C PRO A 133 10.07 -6.00 31.89
N THR A 134 11.13 -6.02 31.07
CA THR A 134 11.06 -5.73 29.65
C THR A 134 11.54 -6.96 28.89
N TYR A 135 10.78 -7.36 27.88
CA TYR A 135 11.06 -8.58 27.12
C TYR A 135 11.11 -8.29 25.64
N VAL A 136 12.01 -8.98 24.94
CA VAL A 136 12.01 -9.02 23.49
C VAL A 136 11.97 -10.48 23.09
N VAL A 137 10.90 -10.86 22.38
CA VAL A 137 10.78 -12.25 21.93
C VAL A 137 11.99 -12.60 21.08
N GLY A 138 12.59 -13.75 21.39
CA GLY A 138 13.79 -14.19 20.72
C GLY A 138 15.09 -13.74 21.36
N VAL A 139 15.03 -12.84 22.34
CA VAL A 139 16.21 -12.34 23.02
C VAL A 139 16.21 -12.74 24.49
N ASN A 140 15.14 -12.40 25.23
CA ASN A 140 15.09 -12.77 26.64
C ASN A 140 13.70 -13.18 27.12
N HIS A 141 12.74 -13.42 26.21
CA HIS A 141 11.38 -13.71 26.69
C HIS A 141 11.31 -15.04 27.45
N HIS A 142 12.29 -15.93 27.28
CA HIS A 142 12.29 -17.16 28.06
C HIS A 142 12.68 -16.95 29.51
N THR A 143 13.10 -15.74 29.89
CA THR A 143 13.27 -15.41 31.30
C THR A 143 12.01 -14.86 31.93
N TYR A 144 10.91 -14.73 31.17
CA TYR A 144 9.66 -14.30 31.76
C TYR A 144 9.28 -15.20 32.91
N ASP A 145 8.89 -14.59 34.03
CA ASP A 145 8.46 -15.32 35.21
C ASP A 145 6.97 -15.12 35.42
N PRO A 146 6.20 -16.19 35.61
CA PRO A 146 4.75 -16.05 35.74
C PRO A 146 4.31 -15.13 36.89
N SER A 147 5.18 -14.87 37.86
CA SER A 147 4.81 -14.01 38.98
C SER A 147 4.76 -12.54 38.59
N GLU A 148 5.31 -12.17 37.44
CA GLU A 148 5.28 -10.78 37.01
C GLU A 148 3.93 -10.49 36.34
N ASP A 149 3.18 -9.57 36.93
CA ASP A 149 1.85 -9.23 36.43
C ASP A 149 1.84 -7.99 35.55
N ILE A 150 2.94 -7.25 35.46
CA ILE A 150 3.07 -6.12 34.55
C ILE A 150 4.38 -6.25 33.80
N VAL A 151 4.31 -6.29 32.46
CA VAL A 151 5.50 -6.47 31.64
C VAL A 151 5.45 -5.47 30.48
N SER A 152 6.61 -5.31 29.84
CA SER A 152 6.76 -4.42 28.70
C SER A 152 7.34 -5.21 27.53
N ASN A 153 6.82 -4.97 26.33
CA ASN A 153 7.38 -5.54 25.11
C ASN A 153 8.37 -4.59 24.44
N ALA A 154 8.85 -3.58 25.17
CA ALA A 154 9.84 -2.64 24.63
C ALA A 154 9.26 -1.91 23.41
N SER A 155 10.11 -1.39 22.55
CA SER A 155 9.68 -0.58 21.42
C SER A 155 9.97 -1.30 20.10
N CYS A 156 9.44 -0.74 19.02
CA CYS A 156 9.69 -1.32 17.70
C CYS A 156 11.17 -1.38 17.39
N THR A 157 11.89 -0.27 17.62
CA THR A 157 13.31 -0.24 17.33
C THR A 157 14.07 -1.24 18.20
N THR A 158 13.68 -1.38 19.47
CA THR A 158 14.35 -2.37 20.32
C THR A 158 14.16 -3.77 19.77
N ASN A 159 12.94 -4.08 19.31
CA ASN A 159 12.67 -5.41 18.78
C ASN A 159 13.43 -5.68 17.49
N CYS A 160 13.77 -4.64 16.73
CA CYS A 160 14.59 -4.86 15.54
C CYS A 160 16.06 -4.98 15.92
N LEU A 161 16.54 -4.08 16.77
CA LEU A 161 17.97 -4.04 17.02
C LEU A 161 18.43 -5.15 17.95
N ALA A 162 17.65 -5.47 19.00
CA ALA A 162 18.16 -6.38 20.01
C ALA A 162 18.49 -7.77 19.49
N PRO A 163 17.70 -8.38 18.59
CA PRO A 163 18.11 -9.69 18.08
C PRO A 163 19.45 -9.65 17.36
N ILE A 164 19.72 -8.61 16.58
CA ILE A 164 20.97 -8.54 15.85
C ILE A 164 22.14 -8.26 16.79
N VAL A 165 21.94 -7.35 17.75
CA VAL A 165 22.94 -7.11 18.77
C VAL A 165 23.29 -8.38 19.52
N LYS A 166 22.27 -9.18 19.90
CA LYS A 166 22.57 -10.42 20.61
C LYS A 166 23.47 -11.32 19.79
N VAL A 167 23.10 -11.54 18.52
CA VAL A 167 23.90 -12.37 17.62
C VAL A 167 25.32 -11.83 17.49
N LEU A 168 25.46 -10.52 17.25
CA LEU A 168 26.79 -9.93 17.07
C LEU A 168 27.61 -10.01 18.34
N HIS A 169 26.98 -9.80 19.50
CA HIS A 169 27.71 -9.84 20.76
C HIS A 169 28.24 -11.23 21.06
N GLU A 170 27.45 -12.26 20.81
CA GLU A 170 27.93 -13.61 21.09
C GLU A 170 29.03 -14.02 20.12
N ALA A 171 29.01 -13.51 18.90
CA ALA A 171 30.01 -13.90 17.90
C ALA A 171 31.29 -13.06 18.00
N PHE A 172 31.17 -11.76 18.27
CA PHE A 172 32.31 -10.87 18.19
C PHE A 172 32.59 -10.07 19.46
N GLY A 173 31.65 -9.97 20.39
CA GLY A 173 31.88 -9.21 21.60
C GLY A 173 31.71 -7.73 21.36
N ILE A 174 30.51 -7.22 21.61
CA ILE A 174 30.22 -5.80 21.43
C ILE A 174 30.77 -5.05 22.63
N GLN A 175 31.65 -4.09 22.39
CA GLN A 175 32.21 -3.25 23.43
C GLN A 175 31.46 -1.94 23.59
N GLN A 176 31.09 -1.31 22.47
CA GLN A 176 30.26 -0.12 22.44
C GLN A 176 29.46 -0.18 21.15
N GLY A 177 28.38 0.59 21.09
CA GLY A 177 27.62 0.66 19.86
C GLY A 177 26.74 1.87 19.79
N MET A 178 26.66 2.48 18.60
CA MET A 178 25.80 3.63 18.32
C MET A 178 24.72 3.22 17.34
N MET A 179 23.51 3.72 17.55
CA MET A 179 22.40 3.43 16.65
C MET A 179 21.75 4.71 16.17
N THR A 180 21.24 4.66 14.94
CA THR A 180 20.36 5.69 14.40
C THR A 180 19.27 4.97 13.63
N THR A 181 18.02 5.17 14.01
CA THR A 181 16.94 4.63 13.21
C THR A 181 16.36 5.74 12.34
N THR A 182 16.29 5.49 11.05
CA THR A 182 15.56 6.34 10.12
C THR A 182 14.14 5.78 10.06
N HIS A 183 13.21 6.49 10.69
CA HIS A 183 12.02 5.89 11.26
C HIS A 183 10.79 6.58 10.68
N SER A 184 9.80 5.79 10.26
CA SER A 184 8.54 6.38 9.81
C SER A 184 7.91 7.22 10.92
N TYR A 185 7.11 8.22 10.53
CA TYR A 185 6.44 9.00 11.55
C TYR A 185 5.35 8.18 12.22
N THR A 186 4.96 8.59 13.43
CA THR A 186 3.94 7.90 14.22
C THR A 186 2.94 8.92 14.75
N GLY A 187 1.83 8.41 15.29
CA GLY A 187 0.78 9.25 15.86
C GLY A 187 1.25 10.18 16.96
N ASP A 188 2.34 9.85 17.64
CA ASP A 188 2.93 10.75 18.62
C ASP A 188 3.33 12.10 18.02
N GLN A 189 3.67 12.13 16.73
CA GLN A 189 4.09 13.38 16.09
C GLN A 189 2.87 14.20 15.63
N ARG A 190 3.13 15.46 15.26
CA ARG A 190 2.08 16.41 14.88
C ARG A 190 1.98 16.52 13.36
N LEU A 191 0.74 16.57 12.84
CA LEU A 191 0.54 16.70 11.40
C LEU A 191 1.04 18.04 10.88
N LEU A 192 0.69 19.12 11.59
CA LEU A 192 1.25 20.45 11.34
C LEU A 192 1.83 20.96 12.66
N ASP A 193 2.74 21.94 12.59
CA ASP A 193 3.43 22.43 13.78
C ASP A 193 2.42 22.67 14.92
N ALA A 194 2.62 22.00 16.05
CA ALA A 194 1.73 22.14 17.20
C ALA A 194 2.49 21.77 18.48
N SER A 195 1.92 22.19 19.61
CA SER A 195 2.62 22.00 20.88
C SER A 195 2.80 20.53 21.21
N HIS A 196 3.92 20.23 21.84
CA HIS A 196 4.36 18.88 22.16
C HIS A 196 5.40 19.03 23.27
N ARG A 197 5.54 18.01 24.11
CA ARG A 197 6.62 18.07 25.11
C ARG A 197 8.00 17.97 24.45
N ASP A 198 8.09 17.40 23.26
CA ASP A 198 9.34 17.33 22.51
C ASP A 198 9.25 18.36 21.38
N LEU A 199 10.10 19.38 21.45
CA LEU A 199 9.99 20.51 20.51
C LEU A 199 10.27 20.14 19.06
N ARG A 200 10.86 18.98 18.81
CA ARG A 200 11.02 18.56 17.43
C ARG A 200 9.85 17.68 16.98
N ARG A 201 9.32 16.83 17.87
CA ARG A 201 8.09 16.12 17.53
C ARG A 201 6.91 17.06 17.39
N ALA A 202 7.03 18.30 17.88
CA ALA A 202 6.02 19.31 17.62
C ALA A 202 5.89 19.68 16.14
N ARG A 203 6.89 19.40 15.31
CA ARG A 203 6.96 19.97 13.96
C ARG A 203 6.31 19.06 12.91
N ALA A 204 5.68 19.69 11.90
CA ALA A 204 4.93 18.99 10.84
C ALA A 204 5.62 17.73 10.36
N ALA A 205 5.04 16.55 10.62
CA ALA A 205 5.78 15.29 10.49
C ALA A 205 5.98 14.87 9.04
N ALA A 206 5.05 15.22 8.15
CA ALA A 206 5.15 14.80 6.75
C ALA A 206 5.99 15.76 5.92
N MET A 207 6.53 16.80 6.54
N MET A 207 6.56 16.79 6.53
CA MET A 207 7.31 17.85 5.89
CA MET A 207 7.34 17.80 5.80
C MET A 207 8.79 17.81 6.22
C MET A 207 8.74 17.97 6.36
N ASN A 208 9.18 17.11 7.29
CA ASN A 208 10.44 17.34 7.97
C ASN A 208 11.14 16.03 8.27
N ILE A 209 12.46 16.08 8.29
CA ILE A 209 13.29 15.12 8.99
C ILE A 209 13.39 15.61 10.44
N VAL A 210 13.02 14.74 11.39
CA VAL A 210 12.83 15.17 12.77
C VAL A 210 13.70 14.35 13.72
N PRO A 211 14.82 14.90 14.24
CA PRO A 211 15.63 14.13 15.20
C PRO A 211 14.88 13.99 16.52
N THR A 212 14.97 12.81 17.12
CA THR A 212 14.34 12.62 18.41
C THR A 212 14.97 11.41 19.10
N SER A 213 14.44 11.08 20.27
CA SER A 213 14.97 9.95 21.02
C SER A 213 14.39 8.63 20.49
N THR A 214 15.09 7.53 20.78
CA THR A 214 14.60 6.20 20.50
C THR A 214 14.66 5.37 21.77
N GLY A 215 13.61 4.57 22.01
CA GLY A 215 13.59 3.71 23.19
C GLY A 215 14.69 2.67 23.17
N ALA A 216 15.16 2.30 21.97
CA ALA A 216 16.17 1.25 21.86
C ALA A 216 17.46 1.63 22.55
N ALA A 217 17.76 2.92 22.59
CA ALA A 217 19.00 3.40 23.21
C ALA A 217 19.17 2.86 24.62
N LYS A 218 18.10 2.87 25.42
CA LYS A 218 18.19 2.31 26.76
C LYS A 218 17.71 0.87 26.85
N ALA A 219 16.73 0.48 26.02
CA ALA A 219 16.04 -0.78 26.27
C ALA A 219 16.82 -2.00 25.80
N VAL A 220 17.68 -1.85 24.78
CA VAL A 220 18.50 -2.99 24.37
C VAL A 220 19.34 -3.49 25.52
N GLY A 221 19.94 -2.58 26.29
CA GLY A 221 20.72 -2.95 27.45
C GLY A 221 19.90 -3.53 28.59
N LEU A 222 18.57 -3.38 28.55
CA LEU A 222 17.72 -4.04 29.54
C LEU A 222 17.47 -5.50 29.16
N VAL A 223 17.29 -5.80 27.87
CA VAL A 223 17.08 -7.17 27.44
C VAL A 223 18.39 -7.91 27.20
N ILE A 224 19.51 -7.20 27.06
CA ILE A 224 20.83 -7.82 27.10
C ILE A 224 21.65 -7.18 28.22
N PRO A 225 21.51 -7.65 29.46
CA PRO A 225 22.09 -6.93 30.61
C PRO A 225 23.58 -6.64 30.51
N GLU A 226 24.37 -7.53 29.89
CA GLU A 226 25.82 -7.29 29.77
C GLU A 226 26.14 -6.02 28.98
N LEU A 227 25.20 -5.52 28.18
CA LEU A 227 25.46 -4.32 27.38
C LEU A 227 24.89 -3.06 28.02
N GLN A 228 24.43 -3.14 29.26
CA GLN A 228 23.95 -1.97 29.97
C GLN A 228 24.99 -0.85 29.93
N GLY A 229 24.56 0.33 29.50
CA GLY A 229 25.44 1.48 29.45
C GLY A 229 26.41 1.52 28.28
N LYS A 230 26.40 0.52 27.41
CA LYS A 230 27.37 0.43 26.34
C LYS A 230 26.83 0.88 24.99
N LEU A 231 25.55 1.22 24.90
CA LEU A 231 24.90 1.55 23.64
C LEU A 231 24.19 2.90 23.76
N ASN A 232 24.10 3.61 22.64
CA ASN A 232 23.41 4.90 22.62
C ASN A 232 23.00 5.20 21.19
N GLY A 233 22.09 6.14 21.03
CA GLY A 233 21.69 6.52 19.68
C GLY A 233 20.48 7.43 19.67
N ILE A 234 19.98 7.67 18.45
CA ILE A 234 18.93 8.64 18.21
C ILE A 234 18.00 8.10 17.12
N ALA A 235 16.90 8.82 16.89
CA ALA A 235 16.01 8.54 15.78
C ALA A 235 15.91 9.76 14.89
N LEU A 236 15.70 9.51 13.59
CA LEU A 236 15.33 10.54 12.63
C LEU A 236 13.98 10.12 12.05
N ARG A 237 12.92 10.81 12.45
CA ARG A 237 11.60 10.55 11.90
C ARG A 237 11.52 11.20 10.52
N VAL A 238 11.00 10.48 9.54
CA VAL A 238 10.96 10.98 8.16
C VAL A 238 9.57 10.76 7.59
N PRO A 239 9.23 11.44 6.48
CA PRO A 239 7.83 11.45 5.97
C PRO A 239 7.42 10.19 5.22
N THR A 240 7.57 9.03 5.86
CA THR A 240 6.87 7.83 5.39
C THR A 240 5.97 7.34 6.52
N PRO A 241 4.81 6.74 6.21
CA PRO A 241 3.85 6.42 7.28
C PRO A 241 4.05 5.08 7.97
N ASN A 242 4.89 4.19 7.44
CA ASN A 242 5.18 2.92 8.10
C ASN A 242 6.42 2.29 7.47
N VAL A 243 7.14 1.50 8.28
CA VAL A 243 8.38 0.80 7.92
C VAL A 243 9.59 1.68 8.23
N SER A 244 10.56 1.12 8.95
CA SER A 244 11.70 1.90 9.40
C SER A 244 12.97 1.08 9.17
N VAL A 245 14.11 1.72 9.33
CA VAL A 245 15.38 1.07 9.11
C VAL A 245 16.36 1.57 10.16
N VAL A 246 17.08 0.65 10.79
CA VAL A 246 18.00 1.01 11.86
C VAL A 246 19.42 0.76 11.38
N ASP A 247 20.30 1.72 11.69
CA ASP A 247 21.71 1.69 11.32
C ASP A 247 22.52 1.56 12.61
N PHE A 248 23.30 0.48 12.73
CA PHE A 248 24.01 0.17 13.98
C PHE A 248 25.50 0.02 13.69
N VAL A 249 26.31 0.84 14.36
CA VAL A 249 27.76 0.82 14.26
C VAL A 249 28.31 0.36 15.60
N ALA A 250 29.03 -0.75 15.60
CA ALA A 250 29.52 -1.37 16.82
C ALA A 250 31.04 -1.45 16.83
N GLN A 251 31.61 -1.18 17.99
CA GLN A 251 33.00 -1.46 18.29
C GLN A 251 33.06 -2.86 18.90
N VAL A 252 33.69 -3.80 18.20
CA VAL A 252 33.69 -5.20 18.61
C VAL A 252 35.11 -5.66 18.94
N GLU A 253 35.19 -6.73 19.76
CA GLU A 253 36.46 -7.20 20.28
C GLU A 253 37.18 -8.11 19.28
N LYS A 254 36.46 -9.02 18.62
CA LYS A 254 37.08 -9.97 17.71
C LYS A 254 37.12 -9.39 16.30
N PRO A 255 38.29 -9.15 15.72
CA PRO A 255 38.35 -8.54 14.38
C PRO A 255 37.66 -9.42 13.35
N THR A 256 36.95 -8.79 12.43
CA THR A 256 36.11 -9.50 11.46
C THR A 256 36.04 -8.70 10.17
N ILE A 257 35.28 -9.22 9.19
CA ILE A 257 35.05 -8.55 7.92
C ILE A 257 33.58 -8.73 7.55
N ALA A 258 33.12 -7.95 6.56
CA ALA A 258 31.71 -7.90 6.25
C ALA A 258 31.14 -9.29 5.93
N GLU A 259 31.89 -10.08 5.18
CA GLU A 259 31.43 -11.40 4.75
C GLU A 259 31.17 -12.31 5.94
N GLN A 260 32.04 -12.25 6.96
CA GLN A 260 31.85 -13.09 8.14
C GLN A 260 30.67 -12.60 8.98
N VAL A 261 30.51 -11.27 9.09
CA VAL A 261 29.36 -10.73 9.82
C VAL A 261 28.06 -11.21 9.19
N ASN A 262 27.97 -11.15 7.85
CA ASN A 262 26.76 -11.61 7.18
C ASN A 262 26.55 -13.11 7.37
N GLN A 263 27.63 -13.90 7.34
CA GLN A 263 27.49 -15.34 7.55
C GLN A 263 26.98 -15.64 8.94
N VAL A 264 27.43 -14.87 9.94
CA VAL A 264 27.03 -15.13 11.32
C VAL A 264 25.55 -14.81 11.51
N ILE A 265 25.09 -13.70 10.94
CA ILE A 265 23.67 -13.35 11.05
C ILE A 265 22.81 -14.28 10.22
N LYS A 266 23.27 -14.65 9.02
CA LYS A 266 22.53 -15.57 8.17
C LYS A 266 22.34 -16.93 8.86
N GLU A 267 23.44 -17.48 9.40
CA GLU A 267 23.32 -18.75 10.11
C GLU A 267 22.31 -18.65 11.26
N ALA A 268 22.34 -17.55 12.01
CA ALA A 268 21.38 -17.38 13.09
C ALA A 268 19.95 -17.23 12.58
N SER A 269 19.77 -16.55 11.45
CA SER A 269 18.41 -16.38 10.92
C SER A 269 17.82 -17.70 10.45
N GLU A 270 18.65 -18.73 10.27
CA GLU A 270 18.19 -20.05 9.88
C GLU A 270 18.06 -21.01 11.05
N THR A 271 18.48 -20.61 12.26
CA THR A 271 18.46 -21.51 13.40
C THR A 271 17.90 -20.82 14.65
N THR A 272 18.79 -20.23 15.46
CA THR A 272 18.36 -19.73 16.77
C THR A 272 17.42 -18.54 16.66
N MET A 273 17.49 -17.77 15.56
CA MET A 273 16.64 -16.60 15.37
C MET A 273 15.66 -16.77 14.21
N LYS A 274 15.31 -18.01 13.86
CA LYS A 274 14.36 -18.22 12.77
C LYS A 274 13.02 -17.58 13.09
N GLY A 275 12.51 -16.79 12.15
CA GLY A 275 11.27 -16.06 12.34
C GLY A 275 11.42 -14.74 13.07
N ILE A 276 12.57 -14.48 13.66
CA ILE A 276 12.85 -13.20 14.29
C ILE A 276 13.75 -12.33 13.41
N ILE A 277 14.88 -12.89 12.98
CA ILE A 277 15.75 -12.23 12.02
C ILE A 277 15.53 -12.86 10.66
N HIS A 278 15.26 -12.03 9.65
CA HIS A 278 15.32 -12.46 8.26
C HIS A 278 16.57 -11.90 7.60
N TYR A 279 17.24 -12.73 6.81
CA TYR A 279 18.45 -12.33 6.09
C TYR A 279 18.08 -12.07 4.64
N SER A 280 18.41 -10.88 4.14
CA SER A 280 18.06 -10.53 2.77
C SER A 280 19.27 -10.03 1.99
N GLU A 281 19.50 -10.61 0.81
CA GLU A 281 20.48 -10.09 -0.13
C GLU A 281 19.85 -9.32 -1.29
N LEU A 282 18.57 -8.96 -1.19
CA LEU A 282 17.87 -8.27 -2.26
C LEU A 282 18.02 -6.75 -2.12
N GLU A 283 17.86 -6.04 -3.25
CA GLU A 283 18.02 -4.59 -3.31
C GLU A 283 16.63 -3.95 -3.27
N LEU A 284 16.06 -3.88 -2.08
CA LEU A 284 14.68 -3.47 -1.87
C LEU A 284 14.64 -2.13 -1.15
N VAL A 285 13.43 -1.58 -1.07
CA VAL A 285 13.17 -0.30 -0.39
C VAL A 285 12.04 -0.50 0.62
N SER A 286 11.73 0.57 1.37
CA SER A 286 10.86 0.38 2.55
C SER A 286 9.49 -0.20 2.18
N SER A 287 8.91 0.20 1.03
CA SER A 287 7.60 -0.32 0.66
C SER A 287 7.59 -1.85 0.57
N ASP A 288 8.69 -2.46 0.17
CA ASP A 288 8.71 -3.91 -0.01
C ASP A 288 8.61 -4.66 1.32
N TYR A 289 8.86 -4.00 2.45
CA TYR A 289 8.82 -4.69 3.72
C TYR A 289 7.51 -4.48 4.49
N ARG A 290 6.51 -3.85 3.86
CA ARG A 290 5.21 -3.73 4.50
C ARG A 290 4.65 -5.11 4.79
N GLY A 291 4.22 -5.34 6.04
CA GLY A 291 3.66 -6.62 6.41
C GLY A 291 4.65 -7.73 6.69
N HIS A 292 5.95 -7.45 6.70
CA HIS A 292 6.90 -8.53 6.97
C HIS A 292 6.80 -8.94 8.43
N ASN A 293 6.81 -10.26 8.65
CA ASN A 293 6.61 -10.82 9.98
C ASN A 293 7.87 -10.84 10.85
N ALA A 294 9.06 -10.69 10.26
CA ALA A 294 10.27 -10.74 11.07
C ALA A 294 10.40 -9.47 11.92
N SER A 295 11.13 -9.60 13.04
CA SER A 295 11.48 -8.43 13.84
C SER A 295 12.52 -7.57 13.16
N SER A 296 13.45 -8.20 12.42
CA SER A 296 14.61 -7.55 11.83
C SER A 296 14.85 -8.19 10.47
N ILE A 297 14.99 -7.38 9.43
CA ILE A 297 15.42 -7.88 8.14
C ILE A 297 16.80 -7.27 7.87
N LEU A 298 17.85 -8.08 8.00
CA LEU A 298 19.18 -7.60 7.70
C LEU A 298 19.30 -7.32 6.20
N ASP A 299 19.71 -6.11 5.85
CA ASP A 299 20.01 -5.78 4.46
C ASP A 299 21.49 -6.09 4.24
N ALA A 300 21.78 -7.31 3.77
CA ALA A 300 23.15 -7.81 3.79
C ALA A 300 24.06 -7.01 2.88
N SER A 301 23.51 -6.43 1.80
CA SER A 301 24.35 -5.68 0.88
C SER A 301 24.93 -4.42 1.50
N LEU A 302 24.37 -3.95 2.61
CA LEU A 302 24.86 -2.74 3.25
C LEU A 302 25.88 -3.00 4.36
N THR A 303 26.14 -4.25 4.74
CA THR A 303 27.07 -4.52 5.84
C THR A 303 28.47 -4.02 5.49
N MET A 304 29.13 -3.32 6.43
CA MET A 304 30.49 -2.86 6.23
C MET A 304 31.30 -3.01 7.50
N VAL A 305 32.60 -3.27 7.35
CA VAL A 305 33.52 -3.35 8.48
C VAL A 305 34.80 -2.60 8.13
N LEU A 306 35.30 -1.82 9.07
CA LEU A 306 36.54 -1.05 8.90
C LEU A 306 37.52 -1.43 10.01
N GLY A 307 38.77 -1.71 9.62
CA GLY A 307 39.84 -2.00 10.54
C GLY A 307 39.64 -3.22 11.43
N GLY A 308 38.68 -4.06 11.08
CA GLY A 308 38.37 -5.24 11.85
C GLY A 308 37.40 -5.04 12.98
N ASN A 309 37.42 -3.88 13.65
CA ASN A 309 36.64 -3.70 14.87
C ASN A 309 35.48 -2.73 14.76
N LEU A 310 35.29 -2.05 13.63
CA LEU A 310 34.19 -1.11 13.44
C LEU A 310 33.19 -1.73 12.46
N VAL A 311 32.06 -2.20 12.99
CA VAL A 311 31.09 -3.00 12.24
C VAL A 311 29.83 -2.17 12.05
N LYS A 312 29.32 -2.12 10.82
CA LYS A 312 28.06 -1.44 10.53
C LYS A 312 27.09 -2.43 9.90
N VAL A 313 25.89 -2.54 10.49
CA VAL A 313 24.82 -3.32 9.90
C VAL A 313 23.56 -2.46 9.82
N VAL A 314 22.67 -2.84 8.90
CA VAL A 314 21.47 -2.08 8.59
C VAL A 314 20.32 -3.08 8.50
N ALA A 315 19.22 -2.80 9.21
CA ALA A 315 18.10 -3.72 9.26
C ALA A 315 16.78 -2.97 9.16
N TRP A 316 15.87 -3.54 8.37
CA TRP A 316 14.52 -3.03 8.17
C TRP A 316 13.58 -3.59 9.23
N TYR A 317 12.49 -2.87 9.48
CA TYR A 317 11.43 -3.44 10.30
C TYR A 317 10.10 -2.74 10.01
N ASP A 318 9.04 -3.53 9.99
CA ASP A 318 7.68 -2.98 9.90
C ASP A 318 7.28 -2.64 11.32
N ASN A 319 7.39 -1.35 11.68
CA ASN A 319 7.27 -0.97 13.08
C ASN A 319 5.86 -1.17 13.61
N GLU A 320 4.83 -1.12 12.75
CA GLU A 320 3.47 -1.40 13.21
C GLU A 320 3.20 -2.90 13.25
N TRP A 321 3.35 -3.58 12.11
CA TRP A 321 2.89 -4.95 11.98
C TRP A 321 3.86 -5.94 12.62
N GLY A 322 5.15 -5.78 12.32
CA GLY A 322 6.15 -6.68 12.91
C GLY A 322 6.17 -6.60 14.41
N TYR A 323 6.12 -5.37 14.95
CA TYR A 323 6.04 -5.21 16.41
C TYR A 323 4.78 -5.86 16.97
N SER A 324 3.64 -5.70 16.28
CA SER A 324 2.40 -6.29 16.79
C SER A 324 2.45 -7.81 16.75
N GLN A 325 3.13 -8.38 15.74
CA GLN A 325 3.35 -9.83 15.75
C GLN A 325 4.10 -10.25 17.01
N ARG A 326 5.05 -9.42 17.46
CA ARG A 326 5.82 -9.76 18.65
C ARG A 326 4.99 -9.59 19.93
N VAL A 327 4.14 -8.54 19.98
CA VAL A 327 3.19 -8.42 21.09
C VAL A 327 2.36 -9.68 21.22
N LEU A 328 1.82 -10.15 20.10
CA LEU A 328 1.06 -11.38 20.12
C LEU A 328 1.90 -12.55 20.60
N ASP A 329 3.13 -12.69 20.06
CA ASP A 329 4.01 -13.77 20.51
C ASP A 329 4.22 -13.72 22.02
N LEU A 330 4.44 -12.53 22.56
CA LEU A 330 4.67 -12.41 24.00
C LEU A 330 3.42 -12.73 24.79
N ALA A 331 2.24 -12.32 24.30
CA ALA A 331 1.00 -12.66 24.98
C ALA A 331 0.74 -14.16 24.93
N GLU A 332 1.01 -14.81 23.80
CA GLU A 332 0.90 -16.28 23.75
C GLU A 332 1.83 -16.91 24.77
N HIS A 333 3.07 -16.42 24.85
CA HIS A 333 4.02 -16.97 25.81
C HIS A 333 3.53 -16.79 27.24
N MET A 334 3.03 -15.59 27.56
CA MET A 334 2.44 -15.37 28.88
C MET A 334 1.27 -16.30 29.12
N ALA A 335 0.40 -16.47 28.12
CA ALA A 335 -0.73 -17.38 28.29
C ALA A 335 -0.25 -18.81 28.54
N ALA A 336 0.87 -19.20 27.93
CA ALA A 336 1.38 -20.55 28.14
C ALA A 336 1.99 -20.72 29.52
N HIS A 337 2.49 -19.64 30.11
CA HIS A 337 3.12 -19.69 31.43
C HIS A 337 2.28 -18.90 32.43
N TRP A 338 1.00 -19.26 32.59
CA TRP A 338 0.13 -18.39 33.36
C TRP A 338 0.44 -18.47 34.86
N ALA A 339 0.83 -19.66 35.33
CA ALA A 339 1.20 -19.82 36.74
C ALA A 339 2.62 -20.39 36.88
N SER B 2 -6.99 -20.03 -31.78
CA SER B 2 -5.57 -19.73 -31.65
C SER B 2 -5.35 -18.36 -30.97
N MET B 3 -4.22 -18.24 -30.29
CA MET B 3 -3.91 -17.05 -29.50
C MET B 3 -3.52 -15.86 -30.38
N VAL B 4 -3.86 -14.66 -29.90
CA VAL B 4 -3.34 -13.43 -30.48
C VAL B 4 -2.07 -13.06 -29.71
N ARG B 5 -0.96 -12.94 -30.42
CA ARG B 5 0.36 -12.73 -29.82
C ARG B 5 0.60 -11.23 -29.63
N VAL B 6 0.94 -10.85 -28.41
CA VAL B 6 1.01 -9.46 -27.99
C VAL B 6 2.44 -9.08 -27.65
N ALA B 7 2.83 -7.87 -28.04
CA ALA B 7 4.07 -7.27 -27.59
C ALA B 7 3.73 -5.96 -26.90
N ILE B 8 4.40 -5.69 -25.79
CA ILE B 8 4.27 -4.45 -25.06
C ILE B 8 5.41 -3.55 -25.48
N ASN B 9 5.09 -2.32 -25.90
CA ASN B 9 6.10 -1.31 -26.19
C ASN B 9 6.09 -0.26 -25.09
N GLY B 10 7.13 -0.26 -24.27
CA GLY B 10 7.17 0.63 -23.13
C GLY B 10 6.70 -0.07 -21.87
N PHE B 11 7.63 -0.59 -21.09
CA PHE B 11 7.31 -1.43 -19.94
C PHE B 11 7.30 -0.57 -18.67
N GLY B 12 6.43 0.43 -18.69
CA GLY B 12 6.34 1.41 -17.61
C GLY B 12 5.24 1.06 -16.62
N ARG B 13 4.66 2.10 -16.00
CA ARG B 13 3.60 1.86 -15.03
C ARG B 13 2.42 1.13 -15.68
N ILE B 14 1.98 1.60 -16.85
CA ILE B 14 0.85 0.93 -17.51
C ILE B 14 1.30 -0.38 -18.13
N GLY B 15 2.45 -0.39 -18.80
CA GLY B 15 2.97 -1.64 -19.35
C GLY B 15 3.05 -2.76 -18.32
N ARG B 16 3.55 -2.43 -17.11
CA ARG B 16 3.74 -3.45 -16.07
C ARG B 16 2.43 -3.78 -15.35
N ASN B 17 1.58 -2.78 -15.08
CA ASN B 17 0.25 -3.06 -14.59
C ASN B 17 -0.49 -3.98 -15.56
N PHE B 18 -0.41 -3.67 -16.85
CA PHE B 18 -1.07 -4.50 -17.87
C PHE B 18 -0.54 -5.93 -17.83
N MET B 19 0.78 -6.09 -17.79
CA MET B 19 1.36 -7.43 -17.67
C MET B 19 0.81 -8.16 -16.45
N ARG B 20 0.74 -7.48 -15.30
CA ARG B 20 0.22 -8.16 -14.10
C ARG B 20 -1.28 -8.41 -14.21
N CYS B 21 -2.04 -7.53 -14.90
CA CYS B 21 -3.43 -7.84 -15.17
C CYS B 21 -3.55 -9.12 -15.99
N TRP B 22 -2.77 -9.22 -17.06
CA TRP B 22 -2.84 -10.40 -17.92
C TRP B 22 -2.44 -11.65 -17.16
N LEU B 23 -1.41 -11.56 -16.31
CA LEU B 23 -0.95 -12.73 -15.57
C LEU B 23 -2.04 -13.29 -14.69
N GLN B 24 -2.85 -12.43 -14.08
CA GLN B 24 -3.92 -12.88 -13.20
C GLN B 24 -5.16 -13.35 -13.94
N ARG B 25 -5.27 -13.04 -15.25
CA ARG B 25 -6.42 -13.45 -16.05
C ARG B 25 -6.02 -14.40 -17.16
N LYS B 26 -4.81 -14.98 -17.08
CA LYS B 26 -4.23 -15.77 -18.15
C LYS B 26 -4.97 -17.07 -18.42
N ALA B 27 -5.85 -17.51 -17.51
CA ALA B 27 -6.61 -18.73 -17.71
C ALA B 27 -7.84 -18.56 -18.59
N ASN B 28 -8.22 -17.32 -18.93
CA ASN B 28 -9.38 -17.07 -19.77
C ASN B 28 -9.06 -16.21 -20.98
N SER B 29 -7.79 -15.93 -21.24
CA SER B 29 -7.39 -14.95 -22.25
C SER B 29 -7.26 -15.58 -23.63
N LYS B 30 -7.67 -14.83 -24.65
CA LYS B 30 -7.33 -15.10 -26.04
C LYS B 30 -6.00 -14.47 -26.44
N LEU B 31 -5.24 -13.97 -25.48
CA LEU B 31 -4.00 -13.24 -25.71
C LEU B 31 -2.82 -13.97 -25.10
N GLU B 32 -1.69 -13.92 -25.79
CA GLU B 32 -0.42 -14.38 -25.27
C GLU B 32 0.57 -13.23 -25.38
N ILE B 33 1.05 -12.73 -24.25
CA ILE B 33 2.10 -11.73 -24.27
C ILE B 33 3.42 -12.44 -24.52
N VAL B 34 4.03 -12.19 -25.67
CA VAL B 34 5.24 -12.89 -26.08
C VAL B 34 6.48 -12.00 -26.12
N GLY B 35 6.31 -10.69 -26.16
CA GLY B 35 7.45 -9.81 -26.34
C GLY B 35 7.29 -8.50 -25.60
N ILE B 36 8.44 -7.91 -25.26
CA ILE B 36 8.50 -6.60 -24.65
C ILE B 36 9.61 -5.81 -25.33
N ASN B 37 9.33 -4.54 -25.64
CA ASN B 37 10.37 -3.59 -25.99
C ASN B 37 10.38 -2.49 -24.94
N ASP B 38 11.56 -2.16 -24.43
CA ASP B 38 11.67 -1.12 -23.44
C ASP B 38 13.06 -0.50 -23.50
N THR B 39 13.19 0.68 -22.91
CA THR B 39 14.49 1.33 -22.84
C THR B 39 15.47 0.55 -21.96
N SER B 40 14.96 -0.25 -21.04
CA SER B 40 15.77 -0.93 -20.04
C SER B 40 16.08 -2.35 -20.50
N ASP B 41 16.70 -3.13 -19.61
CA ASP B 41 17.10 -4.50 -19.87
C ASP B 41 16.16 -5.48 -19.16
N PRO B 42 16.18 -6.76 -19.56
CA PRO B 42 15.24 -7.72 -18.96
C PRO B 42 15.43 -7.95 -17.47
N ARG B 43 16.66 -7.95 -16.96
CA ARG B 43 16.84 -8.14 -15.52
C ARG B 43 16.27 -6.95 -14.75
N THR B 44 16.56 -5.72 -15.19
CA THR B 44 15.96 -4.56 -14.55
C THR B 44 14.44 -4.62 -14.62
N ASN B 45 13.89 -5.01 -15.78
CA ASN B 45 12.44 -5.01 -15.94
C ASN B 45 11.78 -6.15 -15.17
N ALA B 46 12.45 -7.30 -15.05
CA ALA B 46 11.95 -8.36 -14.19
C ALA B 46 11.89 -7.91 -12.74
N HIS B 47 12.90 -7.16 -12.30
CA HIS B 47 12.91 -6.70 -10.91
C HIS B 47 11.75 -5.75 -10.64
N LEU B 48 11.52 -4.78 -11.54
CA LEU B 48 10.41 -3.86 -11.35
C LEU B 48 9.06 -4.56 -11.50
N LEU B 49 8.98 -5.62 -12.32
CA LEU B 49 7.75 -6.37 -12.44
C LEU B 49 7.37 -7.04 -11.11
N LYS B 50 8.37 -7.58 -10.40
CA LYS B 50 8.09 -8.29 -9.17
C LYS B 50 7.90 -7.35 -7.99
N TYR B 51 8.72 -6.31 -7.88
CA TYR B 51 8.74 -5.42 -6.73
C TYR B 51 8.16 -4.07 -7.13
N ASP B 52 6.91 -3.84 -6.74
CA ASP B 52 6.13 -2.68 -7.15
C ASP B 52 5.72 -1.90 -5.89
N SER B 53 6.05 -0.60 -5.87
CA SER B 53 5.74 0.19 -4.68
C SER B 53 4.23 0.32 -4.44
N MET B 54 3.44 0.22 -5.50
CA MET B 54 1.99 0.42 -5.42
C MET B 54 1.25 -0.91 -5.30
N LEU B 55 1.62 -1.91 -6.11
CA LEU B 55 0.93 -3.19 -6.14
C LEU B 55 1.46 -4.20 -5.12
N GLY B 56 2.62 -3.94 -4.50
CA GLY B 56 3.24 -4.96 -3.67
C GLY B 56 3.98 -5.98 -4.49
N ILE B 57 4.52 -6.98 -3.79
CA ILE B 57 5.33 -8.02 -4.41
C ILE B 57 4.41 -9.00 -5.13
N PHE B 58 4.73 -9.29 -6.39
CA PHE B 58 3.97 -10.28 -7.15
C PHE B 58 4.18 -11.67 -6.55
N GLN B 59 3.09 -12.32 -6.14
CA GLN B 59 3.18 -13.59 -5.42
C GLN B 59 2.65 -14.78 -6.19
N ASP B 60 1.93 -14.56 -7.31
CA ASP B 60 1.22 -15.65 -7.97
C ASP B 60 2.16 -16.64 -8.62
N ALA B 61 3.26 -16.17 -9.20
CA ALA B 61 4.20 -17.05 -9.88
C ALA B 61 5.60 -16.49 -9.73
N GLU B 62 6.59 -17.30 -10.08
CA GLU B 62 7.98 -16.90 -10.00
C GLU B 62 8.34 -16.00 -11.18
N ILE B 63 9.10 -14.95 -10.89
CA ILE B 63 9.59 -14.04 -11.92
C ILE B 63 11.12 -14.07 -11.89
N THR B 64 11.71 -14.41 -13.03
CA THR B 64 13.16 -14.39 -13.19
C THR B 64 13.48 -13.80 -14.56
N ALA B 65 14.76 -13.78 -14.89
CA ALA B 65 15.20 -13.20 -16.16
C ALA B 65 16.63 -13.62 -16.45
N ASP B 66 16.98 -13.63 -17.72
CA ASP B 66 18.37 -13.74 -18.15
C ASP B 66 18.61 -12.65 -19.20
N ASP B 67 19.61 -12.83 -20.05
CA ASP B 67 20.02 -11.79 -20.98
C ASP B 67 18.93 -11.45 -21.99
N ASP B 68 18.08 -12.41 -22.34
CA ASP B 68 17.16 -12.25 -23.46
C ASP B 68 15.69 -12.23 -23.11
N CYS B 69 15.29 -12.73 -21.94
CA CYS B 69 13.88 -12.92 -21.66
C CYS B 69 13.56 -12.63 -20.20
N ILE B 70 12.30 -12.26 -19.98
CA ILE B 70 11.66 -12.32 -18.68
C ILE B 70 10.83 -13.60 -18.63
N TYR B 71 10.88 -14.29 -17.50
CA TYR B 71 10.10 -15.50 -17.29
C TYR B 71 9.13 -15.25 -16.16
N ALA B 72 7.85 -15.55 -16.39
CA ALA B 72 6.79 -15.40 -15.40
C ALA B 72 6.06 -16.74 -15.31
N GLY B 73 6.34 -17.49 -14.26
CA GLY B 73 5.80 -18.84 -14.14
C GLY B 73 6.11 -19.68 -15.35
N GLY B 74 7.38 -19.69 -15.77
CA GLY B 74 7.80 -20.47 -16.91
C GLY B 74 7.49 -19.88 -18.26
N HIS B 75 6.52 -18.97 -18.35
CA HIS B 75 6.19 -18.32 -19.61
C HIS B 75 7.30 -17.34 -20.00
N ALA B 76 7.94 -17.60 -21.14
CA ALA B 76 9.05 -16.79 -21.62
C ALA B 76 8.54 -15.61 -22.43
N VAL B 77 8.96 -14.41 -22.05
CA VAL B 77 8.65 -13.19 -22.80
C VAL B 77 9.94 -12.65 -23.37
N LYS B 78 10.05 -12.62 -24.70
CA LYS B 78 11.27 -12.11 -25.32
C LYS B 78 11.36 -10.61 -25.11
N CYS B 79 12.59 -10.13 -24.91
CA CYS B 79 12.85 -8.73 -24.63
C CYS B 79 13.80 -8.13 -25.65
N VAL B 80 13.49 -6.91 -26.09
CA VAL B 80 14.33 -6.17 -27.02
C VAL B 80 14.40 -4.73 -26.50
N SER B 81 15.37 -3.97 -27.00
CA SER B 81 15.57 -2.62 -26.48
C SER B 81 15.97 -1.70 -27.64
N ASP B 82 15.00 -1.03 -28.23
CA ASP B 82 15.24 -0.11 -29.33
C ASP B 82 14.21 0.99 -29.30
N ARG B 83 14.67 2.25 -29.28
CA ARG B 83 13.75 3.39 -29.18
C ARG B 83 12.97 3.67 -30.46
N ASN B 84 13.42 3.16 -31.61
CA ASN B 84 12.71 3.37 -32.87
C ASN B 84 11.85 2.16 -33.20
N PRO B 85 10.53 2.26 -33.16
CA PRO B 85 9.69 1.07 -33.43
C PRO B 85 9.92 0.48 -34.82
N GLU B 86 10.35 1.29 -35.79
CA GLU B 86 10.59 0.76 -37.13
C GLU B 86 11.62 -0.36 -37.14
N ASN B 87 12.51 -0.39 -36.17
CA ASN B 87 13.56 -1.39 -36.14
C ASN B 87 13.18 -2.65 -35.35
N LEU B 88 11.96 -2.71 -34.82
CA LEU B 88 11.60 -3.77 -33.90
C LEU B 88 11.28 -5.06 -34.66
N PRO B 89 11.53 -6.21 -34.03
CA PRO B 89 11.43 -7.49 -34.74
C PRO B 89 10.02 -8.08 -34.74
N TRP B 90 9.01 -7.23 -34.94
CA TRP B 90 7.62 -7.71 -34.84
C TRP B 90 7.33 -8.77 -35.90
N SER B 91 7.84 -8.59 -37.12
CA SER B 91 7.65 -9.59 -38.17
C SER B 91 8.19 -10.94 -37.74
N ALA B 92 9.44 -10.96 -37.26
CA ALA B 92 10.10 -12.22 -36.90
C ALA B 92 9.41 -12.90 -35.74
N TRP B 93 8.98 -12.12 -34.75
CA TRP B 93 8.29 -12.67 -33.59
C TRP B 93 6.82 -13.00 -33.87
N GLY B 94 6.33 -12.75 -35.07
CA GLY B 94 4.92 -12.97 -35.37
C GLY B 94 3.97 -12.18 -34.49
N ILE B 95 4.29 -10.92 -34.23
CA ILE B 95 3.48 -10.11 -33.32
C ILE B 95 2.18 -9.71 -34.02
N ASP B 96 1.06 -10.00 -33.36
CA ASP B 96 -0.24 -9.61 -33.87
C ASP B 96 -0.65 -8.23 -33.41
N LEU B 97 -0.54 -7.98 -32.11
CA LEU B 97 -1.02 -6.75 -31.51
C LEU B 97 0.08 -6.12 -30.66
N VAL B 98 0.31 -4.82 -30.86
CA VAL B 98 1.25 -4.07 -30.04
C VAL B 98 0.46 -3.20 -29.07
N ILE B 99 0.77 -3.33 -27.79
CA ILE B 99 0.26 -2.42 -26.76
C ILE B 99 1.25 -1.26 -26.66
N GLU B 100 0.84 -0.08 -27.14
CA GLU B 100 1.74 1.06 -27.28
C GLU B 100 1.62 1.92 -26.02
N ALA B 101 2.55 1.73 -25.09
CA ALA B 101 2.47 2.31 -23.76
C ALA B 101 3.69 3.14 -23.41
N THR B 102 4.35 3.73 -24.42
CA THR B 102 5.53 4.54 -24.15
C THR B 102 5.18 6.00 -23.90
N GLY B 103 4.01 6.45 -24.33
CA GLY B 103 3.64 7.85 -24.27
C GLY B 103 4.19 8.72 -25.40
N VAL B 104 5.04 8.19 -26.28
CA VAL B 104 5.67 9.01 -27.30
C VAL B 104 5.26 8.64 -28.72
N PHE B 105 4.36 7.68 -28.89
CA PHE B 105 3.91 7.27 -30.22
C PHE B 105 2.39 7.29 -30.30
N THR B 106 1.78 8.40 -29.92
CA THR B 106 0.32 8.50 -29.89
C THR B 106 -0.28 9.02 -31.19
N SER B 107 0.53 9.37 -32.18
CA SER B 107 0.01 9.77 -33.48
C SER B 107 -0.06 8.58 -34.42
N ARG B 108 -0.87 8.72 -35.46
CA ARG B 108 -0.97 7.65 -36.46
C ARG B 108 0.39 7.39 -37.11
N GLU B 109 1.15 8.46 -37.41
CA GLU B 109 2.45 8.27 -38.02
C GLU B 109 3.44 7.62 -37.05
N GLY B 110 3.35 7.96 -35.77
CA GLY B 110 4.20 7.32 -34.78
C GLY B 110 3.84 5.86 -34.57
N ALA B 111 2.56 5.59 -34.29
CA ALA B 111 2.12 4.23 -34.05
C ALA B 111 2.29 3.35 -35.29
N SER B 112 2.11 3.92 -36.48
CA SER B 112 2.23 3.14 -37.71
C SER B 112 3.61 2.54 -37.90
N LYS B 113 4.64 3.10 -37.25
CA LYS B 113 5.98 2.52 -37.36
C LYS B 113 5.98 1.06 -36.89
N HIS B 114 5.09 0.73 -35.93
CA HIS B 114 4.92 -0.66 -35.53
C HIS B 114 4.35 -1.50 -36.66
N LEU B 115 3.45 -0.92 -37.46
CA LEU B 115 2.87 -1.65 -38.58
C LEU B 115 3.92 -1.93 -39.64
N SER B 116 4.77 -0.94 -39.95
CA SER B 116 5.79 -1.18 -40.95
C SER B 116 6.89 -2.11 -40.43
N ALA B 117 7.06 -2.21 -39.12
CA ALA B 117 7.97 -3.20 -38.55
C ALA B 117 7.36 -4.60 -38.52
N GLY B 118 6.06 -4.75 -38.76
CA GLY B 118 5.47 -6.07 -38.93
C GLY B 118 4.27 -6.41 -38.06
N ALA B 119 3.84 -5.50 -37.19
CA ALA B 119 2.68 -5.77 -36.35
C ALA B 119 1.39 -5.57 -37.15
N LYS B 120 0.35 -6.31 -36.75
CA LYS B 120 -0.94 -6.23 -37.44
C LYS B 120 -1.77 -5.05 -36.94
N LYS B 121 -1.87 -4.89 -35.62
CA LYS B 121 -2.65 -3.82 -35.02
C LYS B 121 -1.85 -3.18 -33.89
N VAL B 122 -2.25 -1.95 -33.53
CA VAL B 122 -1.63 -1.18 -32.46
C VAL B 122 -2.74 -0.62 -31.57
N LEU B 123 -2.64 -0.89 -30.28
CA LEU B 123 -3.57 -0.34 -29.29
C LEU B 123 -2.80 0.66 -28.43
N ILE B 124 -3.12 1.95 -28.60
CA ILE B 124 -2.44 3.02 -27.90
C ILE B 124 -3.09 3.25 -26.53
N THR B 125 -2.27 3.24 -25.48
CA THR B 125 -2.79 3.37 -24.10
C THR B 125 -2.89 4.84 -23.69
N ALA B 126 -3.52 5.64 -24.54
CA ALA B 126 -3.62 7.07 -24.36
C ALA B 126 -4.54 7.63 -25.43
N PRO B 127 -5.05 8.84 -25.24
CA PRO B 127 -5.79 9.49 -26.35
C PRO B 127 -4.89 9.55 -27.58
N GLY B 128 -5.49 9.33 -28.74
CA GLY B 128 -4.74 9.41 -29.98
C GLY B 128 -4.62 10.83 -30.46
N LYS B 129 -3.50 11.12 -31.13
CA LYS B 129 -3.29 12.42 -31.75
C LYS B 129 -3.84 12.34 -33.17
N GLY B 130 -4.96 13.01 -33.40
CA GLY B 130 -5.49 13.13 -34.75
C GLY B 130 -6.64 12.20 -35.09
N ASN B 131 -6.44 11.40 -36.12
CA ASN B 131 -7.52 10.64 -36.75
C ASN B 131 -7.46 9.16 -36.35
N ILE B 132 -7.64 8.91 -35.06
CA ILE B 132 -7.50 7.58 -34.49
C ILE B 132 -8.78 7.19 -33.75
N PRO B 133 -9.42 6.09 -34.12
CA PRO B 133 -10.65 5.68 -33.43
C PRO B 133 -10.39 5.41 -31.94
N THR B 134 -11.25 5.95 -31.10
CA THR B 134 -11.07 5.92 -29.66
C THR B 134 -12.19 5.11 -29.01
N TYR B 135 -11.84 4.28 -28.04
CA TYR B 135 -12.79 3.37 -27.44
C TYR B 135 -12.69 3.40 -25.92
N VAL B 136 -13.86 3.38 -25.27
CA VAL B 136 -13.96 3.14 -23.83
C VAL B 136 -14.80 1.90 -23.66
N VAL B 137 -14.26 0.90 -22.97
CA VAL B 137 -15.00 -0.33 -22.78
C VAL B 137 -16.23 -0.04 -21.93
N GLY B 138 -17.38 -0.54 -22.37
CA GLY B 138 -18.65 -0.30 -21.71
C GLY B 138 -19.40 0.90 -22.22
N VAL B 139 -18.81 1.68 -23.12
CA VAL B 139 -19.42 2.89 -23.65
C VAL B 139 -19.61 2.76 -25.15
N ASN B 140 -18.51 2.50 -25.88
CA ASN B 140 -18.60 2.38 -27.33
C ASN B 140 -17.74 1.28 -27.93
N HIS B 141 -17.20 0.35 -27.12
CA HIS B 141 -16.28 -0.63 -27.69
C HIS B 141 -16.98 -1.57 -28.67
N HIS B 142 -18.30 -1.70 -28.59
CA HIS B 142 -19.01 -2.55 -29.53
C HIS B 142 -19.04 -1.98 -30.95
N THR B 143 -18.76 -0.68 -31.12
CA THR B 143 -18.67 -0.13 -32.47
C THR B 143 -17.28 -0.32 -33.07
N TYR B 144 -16.41 -1.09 -32.41
CA TYR B 144 -15.10 -1.38 -32.95
C TYR B 144 -15.20 -2.11 -34.29
N ASP B 145 -14.43 -1.63 -35.27
CA ASP B 145 -14.42 -2.21 -36.60
C ASP B 145 -13.15 -3.03 -36.79
N PRO B 146 -13.25 -4.35 -37.02
CA PRO B 146 -12.05 -5.18 -37.13
C PRO B 146 -11.03 -4.70 -38.16
N SER B 147 -11.48 -3.92 -39.14
CA SER B 147 -10.58 -3.41 -40.17
C SER B 147 -9.63 -2.33 -39.66
N GLU B 148 -9.89 -1.74 -38.50
CA GLU B 148 -9.05 -0.67 -37.99
C GLU B 148 -7.77 -1.23 -37.36
N ASP B 149 -6.63 -0.73 -37.81
CA ASP B 149 -5.32 -1.24 -37.39
C ASP B 149 -4.65 -0.41 -36.30
N ILE B 150 -5.14 0.80 -36.02
CA ILE B 150 -4.65 1.61 -34.91
C ILE B 150 -5.83 2.12 -34.12
N VAL B 151 -5.83 1.85 -32.81
CA VAL B 151 -6.91 2.30 -31.95
C VAL B 151 -6.32 2.90 -30.69
N SER B 152 -7.15 3.67 -29.99
CA SER B 152 -6.83 4.31 -28.72
C SER B 152 -7.84 3.87 -27.67
N ASN B 153 -7.33 3.62 -26.46
CA ASN B 153 -8.17 3.33 -25.31
C ASN B 153 -8.47 4.57 -24.48
N ALA B 154 -8.23 5.75 -25.01
CA ALA B 154 -8.50 7.02 -24.31
C ALA B 154 -7.55 7.11 -23.10
N SER B 155 -7.96 7.83 -22.06
CA SER B 155 -7.16 8.04 -20.86
C SER B 155 -7.86 7.45 -19.65
N CYS B 156 -7.13 7.43 -18.53
CA CYS B 156 -7.72 6.97 -17.27
C CYS B 156 -8.95 7.78 -16.92
N THR B 157 -8.86 9.11 -17.02
CA THR B 157 -10.00 9.94 -16.64
C THR B 157 -11.19 9.73 -17.58
N THR B 158 -10.92 9.53 -18.88
CA THR B 158 -12.00 9.28 -19.83
C THR B 158 -12.73 7.98 -19.51
N ASN B 159 -11.99 6.96 -19.09
CA ASN B 159 -12.61 5.69 -18.74
C ASN B 159 -13.42 5.78 -17.47
N CYS B 160 -13.04 6.66 -16.54
CA CYS B 160 -13.87 6.85 -15.35
C CYS B 160 -15.13 7.65 -15.68
N LEU B 161 -14.96 8.76 -16.39
CA LEU B 161 -16.04 9.72 -16.57
C LEU B 161 -17.05 9.27 -17.63
N ALA B 162 -16.60 8.65 -18.73
CA ALA B 162 -17.51 8.41 -19.84
C ALA B 162 -18.64 7.44 -19.48
N PRO B 163 -18.41 6.34 -18.76
CA PRO B 163 -19.54 5.47 -18.40
C PRO B 163 -20.60 6.20 -17.59
N ILE B 164 -20.18 7.05 -16.65
CA ILE B 164 -21.13 7.83 -15.88
C ILE B 164 -21.87 8.82 -16.77
N VAL B 165 -21.14 9.55 -17.61
CA VAL B 165 -21.78 10.51 -18.50
C VAL B 165 -22.80 9.83 -19.39
N LYS B 166 -22.46 8.64 -19.91
CA LYS B 166 -23.41 7.93 -20.75
C LYS B 166 -24.69 7.63 -19.99
N VAL B 167 -24.58 7.14 -18.77
CA VAL B 167 -25.76 6.81 -17.97
C VAL B 167 -26.58 8.07 -17.72
N LEU B 168 -25.93 9.15 -17.26
CA LEU B 168 -26.66 10.37 -16.94
C LEU B 168 -27.30 10.98 -18.18
N HIS B 169 -26.62 10.88 -19.32
CA HIS B 169 -27.13 11.50 -20.54
C HIS B 169 -28.40 10.79 -21.01
N GLU B 170 -28.37 9.45 -21.00
CA GLU B 170 -29.54 8.69 -21.43
C GLU B 170 -30.70 8.79 -20.46
N ALA B 171 -30.44 9.18 -19.22
CA ALA B 171 -31.50 9.29 -18.22
C ALA B 171 -32.04 10.70 -18.07
N PHE B 172 -31.17 11.71 -18.14
CA PHE B 172 -31.57 13.09 -17.89
C PHE B 172 -31.29 14.04 -19.05
N GLY B 173 -30.51 13.64 -20.05
CA GLY B 173 -30.12 14.52 -21.13
C GLY B 173 -29.13 15.59 -20.75
N ILE B 174 -27.84 15.35 -20.96
CA ILE B 174 -26.82 16.33 -20.62
C ILE B 174 -26.76 17.40 -21.71
N GLN B 175 -26.85 18.66 -21.30
CA GLN B 175 -26.76 19.79 -22.23
C GLN B 175 -25.38 20.41 -22.27
N GLN B 176 -24.72 20.52 -21.11
CA GLN B 176 -23.36 21.04 -20.97
C GLN B 176 -22.80 20.44 -19.68
N GLY B 177 -21.48 20.27 -19.62
CA GLY B 177 -20.86 19.68 -18.44
C GLY B 177 -19.41 20.04 -18.20
N MET B 178 -19.05 20.30 -16.94
CA MET B 178 -17.70 20.64 -16.53
C MET B 178 -17.13 19.53 -15.67
N MET B 179 -15.83 19.23 -15.85
CA MET B 179 -15.16 18.18 -15.07
C MET B 179 -13.89 18.74 -14.45
N THR B 180 -13.60 18.32 -13.22
CA THR B 180 -12.29 18.50 -12.60
C THR B 180 -11.87 17.17 -12.00
N THR B 181 -10.71 16.66 -12.38
CA THR B 181 -10.19 15.47 -11.75
C THR B 181 -9.07 15.87 -10.80
N THR B 182 -9.24 15.54 -9.53
CA THR B 182 -8.16 15.64 -8.55
C THR B 182 -7.38 14.34 -8.63
N HIS B 183 -6.18 14.40 -9.18
CA HIS B 183 -5.53 13.28 -9.84
C HIS B 183 -4.15 13.02 -9.25
N SER B 184 -3.84 11.75 -8.99
CA SER B 184 -2.50 11.39 -8.53
C SER B 184 -1.45 11.83 -9.54
N TYR B 185 -0.24 12.11 -9.06
CA TYR B 185 0.82 12.43 -10.01
C TYR B 185 1.18 11.19 -10.82
N THR B 186 1.76 11.44 -11.99
CA THR B 186 2.18 10.39 -12.90
C THR B 186 3.58 10.69 -13.37
N GLY B 187 4.18 9.71 -14.07
CA GLY B 187 5.57 9.87 -14.47
C GLY B 187 5.80 10.97 -15.47
N ASP B 188 4.74 11.53 -16.05
CA ASP B 188 4.90 12.70 -16.91
C ASP B 188 5.31 13.93 -16.14
N GLN B 189 5.05 13.97 -14.84
CA GLN B 189 5.46 15.12 -14.02
C GLN B 189 6.90 14.95 -13.52
N ARG B 190 7.44 16.04 -12.96
CA ARG B 190 8.83 16.12 -12.53
C ARG B 190 8.92 15.92 -11.02
N LEU B 191 9.91 15.14 -10.58
CA LEU B 191 10.12 14.94 -9.15
C LEU B 191 10.50 16.26 -8.47
N LEU B 192 11.44 16.99 -9.06
CA LEU B 192 11.78 18.34 -8.61
C LEU B 192 11.66 19.26 -9.82
N ASP B 193 11.55 20.58 -9.58
CA ASP B 193 11.33 21.52 -10.69
C ASP B 193 12.34 21.28 -11.80
N ALA B 194 11.86 20.98 -13.00
CA ALA B 194 12.72 20.72 -14.15
C ALA B 194 11.95 21.02 -15.42
N SER B 195 12.69 21.23 -16.52
CA SER B 195 12.05 21.66 -17.75
C SER B 195 11.02 20.65 -18.23
N HIS B 196 9.93 21.18 -18.78
CA HIS B 196 8.78 20.42 -19.27
C HIS B 196 8.07 21.32 -20.27
N ARG B 197 7.48 20.71 -21.30
CA ARG B 197 6.68 21.48 -22.26
C ARG B 197 5.48 22.15 -21.58
N ASP B 198 5.01 21.59 -20.48
CA ASP B 198 3.92 22.17 -19.70
C ASP B 198 4.53 22.78 -18.46
N LEU B 199 4.49 24.12 -18.35
CA LEU B 199 5.19 24.82 -17.27
C LEU B 199 4.67 24.46 -15.89
N ARG B 200 3.46 23.91 -15.78
CA ARG B 200 3.03 23.52 -14.45
C ARG B 200 3.46 22.09 -14.12
N ARG B 201 3.37 21.19 -15.10
CA ARG B 201 3.89 19.83 -14.89
C ARG B 201 5.40 19.82 -14.68
N ALA B 202 6.07 20.93 -15.00
CA ALA B 202 7.49 21.09 -14.68
C ALA B 202 7.77 21.10 -13.19
N ARG B 203 6.78 21.35 -12.34
CA ARG B 203 7.04 21.66 -10.95
C ARG B 203 6.97 20.43 -10.05
N ALA B 204 7.75 20.47 -8.95
CA ALA B 204 7.87 19.37 -8.00
C ALA B 204 6.53 18.70 -7.68
N ALA B 205 6.38 17.43 -8.10
CA ALA B 205 5.05 16.83 -8.16
C ALA B 205 4.53 16.44 -6.77
N ALA B 206 5.40 15.99 -5.87
CA ALA B 206 4.94 15.56 -4.55
C ALA B 206 4.88 16.70 -3.56
N MET B 207 5.13 17.92 -4.02
CA MET B 207 5.11 19.13 -3.20
C MET B 207 4.00 20.10 -3.57
N ASN B 208 3.26 19.85 -4.65
CA ASN B 208 2.39 20.88 -5.24
C ASN B 208 1.05 20.31 -5.66
N ILE B 209 0.02 21.16 -5.59
CA ILE B 209 -1.19 21.01 -6.40
C ILE B 209 -0.91 21.65 -7.76
N VAL B 210 -1.09 20.89 -8.83
CA VAL B 210 -0.61 21.27 -10.16
C VAL B 210 -1.79 21.23 -11.14
N PRO B 211 -2.32 22.39 -11.53
CA PRO B 211 -3.34 22.42 -12.59
C PRO B 211 -2.76 22.02 -13.93
N THR B 212 -3.51 21.20 -14.67
CA THR B 212 -3.06 20.82 -16.01
C THR B 212 -4.28 20.34 -16.81
N SER B 213 -4.03 19.95 -18.05
CA SER B 213 -5.10 19.45 -18.91
C SER B 213 -5.46 18.00 -18.55
N THR B 214 -6.65 17.57 -18.99
CA THR B 214 -7.07 16.19 -18.90
C THR B 214 -7.58 15.72 -20.25
N GLY B 215 -7.17 14.50 -20.65
CA GLY B 215 -7.62 13.97 -21.93
C GLY B 215 -9.12 13.82 -22.01
N ALA B 216 -9.80 13.72 -20.87
CA ALA B 216 -11.23 13.48 -20.86
C ALA B 216 -12.00 14.67 -21.40
N ALA B 217 -11.43 15.87 -21.29
CA ALA B 217 -12.12 17.07 -21.77
C ALA B 217 -12.54 16.92 -23.23
N LYS B 218 -11.69 16.32 -24.04
CA LYS B 218 -12.00 16.07 -25.45
C LYS B 218 -12.45 14.64 -25.72
N ALA B 219 -11.90 13.66 -25.01
CA ALA B 219 -12.10 12.29 -25.43
C ALA B 219 -13.48 11.76 -25.06
N VAL B 220 -14.13 12.28 -24.02
CA VAL B 220 -15.47 11.79 -23.68
C VAL B 220 -16.42 12.03 -24.85
N GLY B 221 -16.29 13.17 -25.52
CA GLY B 221 -17.11 13.45 -26.69
C GLY B 221 -16.75 12.65 -27.93
N LEU B 222 -15.61 11.94 -27.93
CA LEU B 222 -15.32 11.02 -29.03
C LEU B 222 -16.08 9.70 -28.83
N VAL B 223 -16.19 9.24 -27.58
CA VAL B 223 -16.85 7.97 -27.34
C VAL B 223 -18.34 8.13 -27.09
N ILE B 224 -18.81 9.36 -26.84
CA ILE B 224 -20.24 9.69 -26.82
C ILE B 224 -20.46 10.81 -27.83
N PRO B 225 -20.51 10.50 -29.12
CA PRO B 225 -20.49 11.56 -30.15
C PRO B 225 -21.56 12.64 -29.97
N GLU B 226 -22.73 12.30 -29.41
CA GLU B 226 -23.77 13.28 -29.11
C GLU B 226 -23.26 14.46 -28.30
N LEU B 227 -22.20 14.27 -27.51
CA LEU B 227 -21.78 15.28 -26.56
C LEU B 227 -20.53 16.04 -27.02
N GLN B 228 -20.12 15.88 -28.29
CA GLN B 228 -18.93 16.56 -28.77
C GLN B 228 -19.12 18.08 -28.64
N GLY B 229 -18.11 18.75 -28.08
CA GLY B 229 -18.17 20.18 -27.91
C GLY B 229 -19.02 20.65 -26.74
N LYS B 230 -19.58 19.74 -25.94
CA LYS B 230 -20.45 20.10 -24.83
C LYS B 230 -19.82 19.89 -23.46
N LEU B 231 -18.60 19.36 -23.40
CA LEU B 231 -17.92 19.06 -22.14
C LEU B 231 -16.56 19.75 -22.13
N ASN B 232 -16.11 20.15 -20.93
CA ASN B 232 -14.78 20.73 -20.80
C ASN B 232 -14.34 20.55 -19.36
N GLY B 233 -13.04 20.72 -19.12
CA GLY B 233 -12.57 20.64 -17.76
C GLY B 233 -11.07 20.56 -17.68
N ILE B 234 -10.61 20.35 -16.45
CA ILE B 234 -9.19 20.45 -16.11
C ILE B 234 -8.85 19.32 -15.15
N ALA B 235 -7.54 19.18 -14.90
CA ALA B 235 -7.01 18.28 -13.89
C ALA B 235 -6.26 19.09 -12.85
N LEU B 236 -6.29 18.60 -11.60
CA LEU B 236 -5.41 19.08 -10.54
C LEU B 236 -4.60 17.88 -10.07
N ARG B 237 -3.31 17.89 -10.39
CA ARG B 237 -2.42 16.84 -9.92
C ARG B 237 -2.03 17.14 -8.48
N VAL B 238 -2.08 16.12 -7.62
CA VAL B 238 -1.79 16.32 -6.20
C VAL B 238 -0.82 15.23 -5.71
N PRO B 239 -0.23 15.37 -4.53
CA PRO B 239 0.84 14.47 -4.08
C PRO B 239 0.34 13.13 -3.53
N THR B 240 -0.42 12.38 -4.34
CA THR B 240 -0.58 10.96 -4.08
C THR B 240 -0.06 10.17 -5.27
N PRO B 241 0.47 8.96 -5.05
CA PRO B 241 1.13 8.23 -6.16
C PRO B 241 0.17 7.46 -7.05
N ASN B 242 -1.07 7.24 -6.63
CA ASN B 242 -2.01 6.49 -7.45
C ASN B 242 -3.40 6.64 -6.84
N VAL B 243 -4.42 6.47 -7.69
CA VAL B 243 -5.85 6.62 -7.38
C VAL B 243 -6.27 8.07 -7.51
N SER B 244 -7.34 8.30 -8.23
CA SER B 244 -7.78 9.63 -8.61
C SER B 244 -9.28 9.72 -8.37
N VAL B 245 -9.79 10.95 -8.44
CA VAL B 245 -11.23 11.18 -8.24
C VAL B 245 -11.64 12.31 -9.18
N VAL B 246 -12.73 12.09 -9.91
CA VAL B 246 -13.23 13.10 -10.85
C VAL B 246 -14.54 13.67 -10.34
N ASP B 247 -14.64 15.00 -10.38
CA ASP B 247 -15.85 15.73 -10.04
C ASP B 247 -16.49 16.22 -11.34
N PHE B 248 -17.80 15.96 -11.51
CA PHE B 248 -18.49 16.29 -12.76
C PHE B 248 -19.76 17.05 -12.47
N VAL B 249 -19.90 18.25 -13.05
CA VAL B 249 -21.04 19.12 -12.84
C VAL B 249 -21.72 19.32 -14.19
N ALA B 250 -22.98 18.89 -14.30
CA ALA B 250 -23.70 18.91 -15.57
C ALA B 250 -25.01 19.67 -15.47
N GLN B 251 -25.30 20.41 -16.54
CA GLN B 251 -26.60 21.02 -16.78
C GLN B 251 -27.45 19.99 -17.53
N VAL B 252 -28.55 19.56 -16.92
CA VAL B 252 -29.36 18.50 -17.51
C VAL B 252 -30.74 19.04 -17.89
N GLU B 253 -31.40 18.31 -18.80
CA GLU B 253 -32.67 18.74 -19.37
C GLU B 253 -33.84 18.34 -18.47
N LYS B 254 -33.84 17.10 -18.00
CA LYS B 254 -34.94 16.59 -17.19
C LYS B 254 -34.70 16.85 -15.71
N PRO B 255 -35.58 17.60 -15.04
CA PRO B 255 -35.37 17.90 -13.61
C PRO B 255 -35.23 16.63 -12.79
N THR B 256 -34.35 16.68 -11.78
CA THR B 256 -34.08 15.50 -10.96
C THR B 256 -33.63 15.93 -9.56
N ILE B 257 -33.18 14.95 -8.78
CA ILE B 257 -32.71 15.14 -7.39
C ILE B 257 -31.66 14.09 -7.13
N ALA B 258 -30.89 14.27 -6.05
CA ALA B 258 -29.73 13.41 -5.82
C ALA B 258 -30.13 11.95 -5.68
N GLU B 259 -31.24 11.67 -4.99
CA GLU B 259 -31.73 10.31 -4.85
C GLU B 259 -31.93 9.62 -6.20
N GLN B 260 -32.53 10.33 -7.15
CA GLN B 260 -32.78 9.73 -8.47
C GLN B 260 -31.49 9.52 -9.24
N VAL B 261 -30.58 10.50 -9.20
CA VAL B 261 -29.29 10.35 -9.86
C VAL B 261 -28.57 9.12 -9.34
N ASN B 262 -28.49 8.97 -8.02
CA ASN B 262 -27.84 7.79 -7.44
C ASN B 262 -28.54 6.51 -7.87
N GLN B 263 -29.87 6.51 -7.87
CA GLN B 263 -30.59 5.28 -8.22
C GLN B 263 -30.34 4.89 -9.67
N VAL B 264 -30.21 5.87 -10.56
CA VAL B 264 -29.97 5.55 -11.97
C VAL B 264 -28.59 4.93 -12.13
N ILE B 265 -27.60 5.45 -11.42
CA ILE B 265 -26.26 4.89 -11.57
C ILE B 265 -26.17 3.54 -10.89
N LYS B 266 -26.83 3.39 -9.73
CA LYS B 266 -26.89 2.10 -9.06
C LYS B 266 -27.49 1.03 -9.97
N GLU B 267 -28.65 1.30 -10.57
CA GLU B 267 -29.26 0.33 -11.48
C GLU B 267 -28.31 -0.01 -12.64
N ALA B 268 -27.68 1.01 -13.24
CA ALA B 268 -26.71 0.77 -14.30
C ALA B 268 -25.57 -0.13 -13.82
N SER B 269 -25.03 0.16 -12.63
CA SER B 269 -23.89 -0.60 -12.12
C SER B 269 -24.24 -2.08 -11.91
N GLU B 270 -25.53 -2.39 -11.79
CA GLU B 270 -25.97 -3.77 -11.61
C GLU B 270 -26.31 -4.47 -12.91
N THR B 271 -26.49 -3.71 -14.00
CA THR B 271 -26.98 -4.28 -15.25
C THR B 271 -26.08 -3.90 -16.42
N THR B 272 -26.43 -2.81 -17.11
CA THR B 272 -25.75 -2.47 -18.36
C THR B 272 -24.28 -2.12 -18.14
N MET B 273 -23.93 -1.62 -16.96
CA MET B 273 -22.56 -1.19 -16.67
C MET B 273 -21.89 -2.05 -15.60
N LYS B 274 -22.36 -3.27 -15.39
CA LYS B 274 -21.78 -4.16 -14.36
C LYS B 274 -20.31 -4.46 -14.66
N GLY B 275 -19.44 -4.19 -13.70
CA GLY B 275 -18.02 -4.37 -13.87
C GLY B 275 -17.29 -3.18 -14.44
N ILE B 276 -18.03 -2.17 -14.91
CA ILE B 276 -17.44 -0.90 -15.34
C ILE B 276 -17.67 0.19 -14.31
N ILE B 277 -18.92 0.34 -13.86
CA ILE B 277 -19.27 1.25 -12.80
C ILE B 277 -19.50 0.45 -11.53
N HIS B 278 -18.91 0.90 -10.43
CA HIS B 278 -19.24 0.39 -9.11
C HIS B 278 -19.95 1.48 -8.32
N TYR B 279 -21.01 1.09 -7.62
CA TYR B 279 -21.79 2.01 -6.80
C TYR B 279 -21.40 1.83 -5.34
N SER B 280 -21.00 2.90 -4.66
CA SER B 280 -20.58 2.81 -3.26
C SER B 280 -21.30 3.85 -2.40
N GLU B 281 -21.82 3.39 -1.26
CA GLU B 281 -22.36 4.29 -0.24
C GLU B 281 -21.43 4.38 0.97
N LEU B 282 -20.21 3.90 0.84
CA LEU B 282 -19.27 3.85 1.96
C LEU B 282 -18.44 5.13 2.02
N GLU B 283 -18.00 5.47 3.22
CA GLU B 283 -17.24 6.70 3.47
C GLU B 283 -15.74 6.40 3.44
N LEU B 284 -15.23 6.19 2.23
CA LEU B 284 -13.86 5.74 2.02
C LEU B 284 -12.98 6.88 1.50
N VAL B 285 -11.68 6.60 1.40
CA VAL B 285 -10.71 7.57 0.90
C VAL B 285 -9.85 6.87 -0.16
N SER B 286 -8.93 7.64 -0.78
CA SER B 286 -8.29 7.13 -2.00
C SER B 286 -7.57 5.80 -1.76
N SER B 287 -6.89 5.64 -0.62
CA SER B 287 -6.14 4.40 -0.38
C SER B 287 -7.04 3.16 -0.46
N ASP B 288 -8.33 3.32 -0.16
CA ASP B 288 -9.23 2.19 -0.14
C ASP B 288 -9.56 1.66 -1.53
N TYR B 289 -9.33 2.45 -2.57
CA TYR B 289 -9.65 2.05 -3.95
C TYR B 289 -8.44 1.54 -4.70
N ARG B 290 -7.30 1.35 -4.03
CA ARG B 290 -6.17 0.71 -4.70
C ARG B 290 -6.57 -0.69 -5.15
N GLY B 291 -6.35 -0.97 -6.43
CA GLY B 291 -6.57 -2.29 -6.97
C GLY B 291 -8.00 -2.58 -7.38
N HIS B 292 -8.89 -1.58 -7.30
CA HIS B 292 -10.28 -1.80 -7.68
C HIS B 292 -10.35 -2.03 -9.18
N ASN B 293 -11.15 -3.03 -9.58
CA ASN B 293 -11.21 -3.37 -11.01
C ASN B 293 -12.19 -2.50 -11.82
N ALA B 294 -13.00 -1.66 -11.18
CA ALA B 294 -13.99 -0.89 -11.94
C ALA B 294 -13.36 0.32 -12.60
N SER B 295 -13.97 0.77 -13.70
CA SER B 295 -13.50 1.99 -14.34
C SER B 295 -13.86 3.22 -13.51
N SER B 296 -14.98 3.15 -12.77
CA SER B 296 -15.39 4.29 -11.96
C SER B 296 -16.17 3.77 -10.77
N ILE B 297 -15.91 4.34 -9.61
CA ILE B 297 -16.64 4.02 -8.40
C ILE B 297 -17.39 5.29 -8.00
N LEU B 298 -18.71 5.28 -8.18
CA LEU B 298 -19.51 6.43 -7.78
C LEU B 298 -19.52 6.56 -6.26
N ASP B 299 -19.12 7.72 -5.75
CA ASP B 299 -19.20 8.00 -4.32
C ASP B 299 -20.57 8.59 -4.05
N ALA B 300 -21.53 7.71 -3.74
CA ALA B 300 -22.93 8.12 -3.75
C ALA B 300 -23.24 9.20 -2.69
N SER B 301 -22.48 9.22 -1.59
CA SER B 301 -22.72 10.19 -0.54
C SER B 301 -22.43 11.62 -0.97
N LEU B 302 -21.69 11.80 -2.05
CA LEU B 302 -21.32 13.14 -2.45
C LEU B 302 -22.21 13.69 -3.57
N THR B 303 -23.20 12.93 -4.04
CA THR B 303 -24.03 13.40 -5.15
C THR B 303 -24.90 14.56 -4.68
N MET B 304 -24.95 15.63 -5.47
CA MET B 304 -25.78 16.79 -5.17
C MET B 304 -26.51 17.26 -6.43
N VAL B 305 -27.70 17.80 -6.24
CA VAL B 305 -28.45 18.45 -7.32
C VAL B 305 -29.00 19.77 -6.79
N LEU B 306 -28.90 20.81 -7.60
CA LEU B 306 -29.40 22.14 -7.25
C LEU B 306 -30.42 22.58 -8.28
N GLY B 307 -31.60 22.96 -7.82
CA GLY B 307 -32.61 23.57 -8.69
C GLY B 307 -33.16 22.66 -9.76
N GLY B 308 -33.04 21.34 -9.60
CA GLY B 308 -33.50 20.39 -10.59
C GLY B 308 -32.51 20.00 -11.69
N ASN B 309 -31.74 20.96 -12.21
CA ASN B 309 -31.05 20.74 -13.48
C ASN B 309 -29.54 20.88 -13.39
N LEU B 310 -28.98 21.13 -12.22
CA LEU B 310 -27.54 21.21 -12.04
C LEU B 310 -27.13 20.03 -11.16
N VAL B 311 -26.45 19.06 -11.77
CA VAL B 311 -26.14 17.77 -11.15
C VAL B 311 -24.64 17.69 -10.90
N LYS B 312 -24.24 17.24 -9.71
CA LYS B 312 -22.85 16.99 -9.38
C LYS B 312 -22.68 15.55 -8.93
N VAL B 313 -21.78 14.81 -9.59
CA VAL B 313 -21.40 13.47 -9.16
C VAL B 313 -19.88 13.42 -9.02
N VAL B 314 -19.43 12.46 -8.21
CA VAL B 314 -18.02 12.29 -7.84
C VAL B 314 -17.68 10.81 -7.92
N ALA B 315 -16.62 10.48 -8.67
CA ALA B 315 -16.28 9.07 -8.84
C ALA B 315 -14.78 8.83 -8.72
N TRP B 316 -14.44 7.76 -8.03
CA TRP B 316 -13.06 7.31 -7.85
C TRP B 316 -12.59 6.44 -9.01
N TYR B 317 -11.28 6.36 -9.18
CA TYR B 317 -10.72 5.38 -10.11
C TYR B 317 -9.24 5.13 -9.81
N ASP B 318 -8.84 3.88 -9.94
CA ASP B 318 -7.43 3.52 -9.82
C ASP B 318 -6.84 3.76 -11.22
N ASN B 319 -6.14 4.87 -11.38
CA ASN B 319 -5.75 5.29 -12.72
C ASN B 319 -4.71 4.37 -13.34
N GLU B 320 -3.97 3.62 -12.53
CA GLU B 320 -3.03 2.64 -13.10
C GLU B 320 -3.70 1.28 -13.34
N TRP B 321 -4.30 0.70 -12.30
CA TRP B 321 -4.74 -0.68 -12.38
C TRP B 321 -6.08 -0.81 -13.11
N GLY B 322 -7.03 0.05 -12.76
CA GLY B 322 -8.33 0.01 -13.44
C GLY B 322 -8.20 0.30 -14.91
N TYR B 323 -7.43 1.33 -15.26
CA TYR B 323 -7.20 1.60 -16.67
C TYR B 323 -6.54 0.41 -17.37
N SER B 324 -5.58 -0.23 -16.70
CA SER B 324 -4.90 -1.36 -17.33
C SER B 324 -5.85 -2.55 -17.51
N GLN B 325 -6.76 -2.78 -16.54
CA GLN B 325 -7.79 -3.78 -16.75
C GLN B 325 -8.60 -3.50 -18.01
N ARG B 326 -8.86 -2.22 -18.30
CA ARG B 326 -9.66 -1.87 -19.47
C ARG B 326 -8.85 -2.01 -20.76
N VAL B 327 -7.56 -1.68 -20.72
CA VAL B 327 -6.68 -1.99 -21.85
C VAL B 327 -6.79 -3.47 -22.19
N LEU B 328 -6.66 -4.33 -21.16
CA LEU B 328 -6.77 -5.77 -21.38
C LEU B 328 -8.13 -6.14 -21.95
N ASP B 329 -9.21 -5.57 -21.40
CA ASP B 329 -10.55 -5.85 -21.93
C ASP B 329 -10.65 -5.44 -23.40
N LEU B 330 -10.12 -4.27 -23.76
CA LEU B 330 -10.21 -3.85 -25.14
C LEU B 330 -9.39 -4.75 -26.05
N ALA B 331 -8.24 -5.24 -25.57
CA ALA B 331 -7.43 -6.15 -26.37
C ALA B 331 -8.12 -7.49 -26.56
N GLU B 332 -8.81 -7.99 -25.51
CA GLU B 332 -9.55 -9.25 -25.66
C GLU B 332 -10.70 -9.09 -26.65
N HIS B 333 -11.38 -7.93 -26.61
CA HIS B 333 -12.44 -7.67 -27.57
C HIS B 333 -11.90 -7.68 -29.01
N MET B 334 -10.77 -6.99 -29.23
CA MET B 334 -10.15 -7.01 -30.56
C MET B 334 -9.76 -8.42 -30.97
N ALA B 335 -9.27 -9.22 -30.02
CA ALA B 335 -8.93 -10.60 -30.34
C ALA B 335 -10.17 -11.40 -30.72
N ALA B 336 -11.31 -11.10 -30.10
CA ALA B 336 -12.54 -11.82 -30.42
C ALA B 336 -13.09 -11.43 -31.78
N HIS B 337 -12.85 -10.20 -32.21
CA HIS B 337 -13.30 -9.72 -33.51
C HIS B 337 -12.12 -9.41 -34.40
N TRP B 338 -11.17 -10.35 -34.49
CA TRP B 338 -9.96 -10.09 -35.25
C TRP B 338 -10.24 -10.03 -36.74
N ALA B 339 -11.23 -10.82 -37.20
CA ALA B 339 -11.61 -10.93 -38.60
C ALA B 339 -11.38 -9.67 -39.43
PA NAD C . -2.29 5.65 18.57
O1A NAD C . -2.39 7.10 18.97
O2A NAD C . -2.60 5.20 17.17
O5B NAD C . -3.17 4.73 19.55
C5B NAD C . -3.49 5.06 20.90
C4B NAD C . -4.97 4.72 21.09
O4B NAD C . -5.31 4.87 22.47
C3B NAD C . -5.85 5.69 20.34
O3B NAD C . -6.95 4.94 19.82
C2B NAD C . -6.38 6.65 21.39
O2B NAD C . -7.68 7.14 21.04
C1B NAD C . -6.49 5.69 22.56
N9A NAD C . -6.42 6.32 23.89
C8A NAD C . -5.71 7.39 24.27
N7A NAD C . -5.89 7.62 25.60
C5A NAD C . -6.73 6.68 26.06
C6A NAD C . -7.33 6.33 27.37
N6A NAD C . -7.05 7.09 28.46
N1A NAD C . -8.16 5.26 27.43
C2A NAD C . -8.43 4.52 26.34
N3A NAD C . -7.94 4.77 25.10
C4A NAD C . -7.08 5.82 24.93
O3 NAD C . -0.80 5.21 19.01
PN NAD C . 0.00 3.89 18.54
O1N NAD C . -0.98 2.74 18.35
O2N NAD C . 0.93 4.27 17.41
O5D NAD C . 0.89 3.67 19.87
C5D NAD C . 0.35 3.09 21.07
C4D NAD C . 1.49 2.60 21.96
O4D NAD C . 2.30 1.66 21.21
C3D NAD C . 2.43 3.72 22.36
O3D NAD C . 2.89 3.39 23.68
C2D NAD C . 3.58 3.61 21.37
O2D NAD C . 4.80 4.18 21.82
C1D NAD C . 3.66 2.10 21.18
N1N NAD C . 4.29 1.67 19.92
C2N NAD C . 3.96 2.23 18.74
C3N NAD C . 4.56 1.76 17.57
C7N NAD C . 4.23 2.35 16.23
O7N NAD C . 5.02 2.17 15.31
N7N NAD C . 3.09 3.05 16.05
C4N NAD C . 5.46 0.71 17.64
C5N NAD C . 5.77 0.14 18.87
C6N NAD C . 5.14 0.63 20.00
C ACT D . 11.39 3.89 18.82
O ACT D . 11.58 2.90 19.55
OXT ACT D . 12.29 4.32 18.05
CH3 ACT D . 10.14 4.69 19.03
H1 ACT D . 10.33 5.44 19.76
H2 ACT D . 9.36 4.05 19.37
H3 ACT D . 9.85 5.14 18.12
MG MG E . 40.69 -1.59 14.45
PA NAD F . 6.04 5.48 -17.76
O1A NAD F . 7.02 6.61 -17.90
O2A NAD F . 5.95 4.76 -16.43
O5B NAD F . 6.23 4.38 -18.92
C5B NAD F . 6.82 4.66 -20.19
C4B NAD F . 7.75 3.50 -20.51
O4B NAD F . 8.14 3.53 -21.88
C3B NAD F . 9.02 3.58 -19.67
O3B NAD F . 9.34 2.25 -19.23
C2B NAD F . 10.06 4.10 -20.65
O2B NAD F . 11.37 3.62 -20.33
C1B NAD F . 9.57 3.49 -21.94
N9A NAD F . 9.92 4.25 -23.15
C8A NAD F . 10.00 5.58 -23.32
N7A NAD F . 10.32 5.88 -24.61
C5A NAD F . 10.46 4.70 -25.27
C6A NAD F . 10.79 4.28 -26.65
N6A NAD F . 11.05 5.19 -27.62
N1A NAD F . 10.80 2.95 -26.91
C2A NAD F . 10.54 2.03 -25.96
N3A NAD F . 10.25 2.34 -24.68
C4A NAD F . 10.19 3.64 -24.30
O3 NAD F . 4.60 6.13 -18.15
PN NAD F . 3.16 5.47 -17.86
O1N NAD F . 3.25 3.96 -17.89
O2N NAD F . 2.56 6.16 -16.65
O5D NAD F . 2.39 5.96 -19.17
C5D NAD F . 2.50 5.26 -20.41
C4D NAD F . 1.36 5.73 -21.30
O4D NAD F . 0.10 5.35 -20.71
C3D NAD F . 1.33 7.24 -21.41
O3D NAD F . 0.86 7.54 -22.72
C2D NAD F . 0.25 7.67 -20.44
O2D NAD F . -0.41 8.86 -20.86
C1D NAD F . -0.73 6.51 -20.52
N1N NAD F . -1.57 6.36 -19.32
C2N NAD F . -1.05 6.46 -18.08
C3N NAD F . -1.86 6.30 -16.95
C7N NAD F . -1.32 6.41 -15.53
O7N NAD F . -2.09 6.69 -14.63
N7N NAD F . -0.02 6.22 -15.29
C4N NAD F . -3.21 5.99 -17.11
C5N NAD F . -3.71 5.88 -18.40
C6N NAD F . -2.86 6.05 -19.49
C ACT G . -6.09 12.47 -17.86
O ACT G . -6.78 11.56 -18.33
OXT ACT G . -6.43 13.03 -16.79
CH3 ACT G . -4.72 12.72 -18.43
H1 ACT G . -4.39 13.68 -18.15
H2 ACT G . -4.76 12.65 -19.48
H3 ACT G . -4.05 12.00 -18.05
C ACT H . 1.28 10.03 -18.21
O ACT H . 2.11 9.30 -17.59
OXT ACT H . 0.25 10.50 -17.67
CH3 ACT H . 1.67 10.54 -19.57
H1 ACT H . 2.13 11.48 -19.49
H2 ACT H . 0.79 10.62 -20.16
H3 ACT H . 2.33 9.85 -20.03
#